data_1QS8
#
_entry.id   1QS8
#
_cell.length_a   145.015
_cell.length_b   145.015
_cell.length_c   71.072
_cell.angle_alpha   90.00
_cell.angle_beta   90.00
_cell.angle_gamma   90.00
#
_symmetry.space_group_name_H-M   'P 41 21 2'
#
loop_
_entity.id
_entity.type
_entity.pdbx_description
1 polymer PLASMEPSIN
2 polymer 'PEPSTATIN A'
3 non-polymer 'ACETATE ION'
4 water water
#
loop_
_entity_poly.entity_id
_entity_poly.type
_entity_poly.pdbx_seq_one_letter_code
_entity_poly.pdbx_strand_id
1 'polypeptide(L)'
;LGSENDVIELDDVANIMFYGEGEVGDNHQKFMLIFDTGSANLWVPSKKCNSSGCSIKNLYDSSKSKSYEKDGTKVDITYG
SGTVKGFFSKDLVTLGHLSMPYKFIEVIDTDDLEPIYSSVEFDGILGLGWKDLSIGSIDPIVVELKNQNKIDNALFTFYL
PVHDVHAGYLTIGGIEEKFYEGNITYEKLNHDLYWQIDLDVHFGKQTMEKANVIVDSGTTTITAPSEFLNKFFANLNVIK
VPFLPFYVTTCDNKEMPTLEFKSANNTYTLEPEYYMNPILEVDDTLCMITMLPVDIDSNTFILGDPFMRKYFTVFDYDKE
SVGFAIAKN
;
A,B
2 'polypeptide(L)' (IVA)VV(STA)A(STA) C,D
#
loop_
_chem_comp.id
_chem_comp.type
_chem_comp.name
_chem_comp.formula
ACT non-polymer 'ACETATE ION' 'C2 H3 O2 -1'
IVA non-polymer 'ISOVALERIC ACID' 'C5 H10 O2'
STA peptide-like STATINE 'C8 H17 N O3'
#
# COMPACT_ATOMS: atom_id res chain seq x y z
N SER A 3 -35.30 -4.57 0.35
CA SER A 3 -34.69 -3.44 -0.40
C SER A 3 -33.58 -3.91 -1.33
N GLU A 4 -32.88 -2.96 -1.95
CA GLU A 4 -31.80 -3.30 -2.86
C GLU A 4 -30.51 -3.68 -2.13
N ASN A 5 -30.43 -3.36 -0.83
CA ASN A 5 -29.23 -3.69 -0.06
C ASN A 5 -28.92 -5.17 -0.10
N ASP A 6 -27.65 -5.50 -0.28
CA ASP A 6 -27.21 -6.88 -0.35
C ASP A 6 -26.76 -7.31 1.03
N VAL A 7 -27.54 -8.23 1.61
CA VAL A 7 -27.24 -8.74 2.94
C VAL A 7 -26.52 -10.09 2.93
N ILE A 8 -25.54 -10.22 3.82
CA ILE A 8 -24.77 -11.45 3.96
C ILE A 8 -24.77 -11.83 5.43
N GLU A 9 -25.30 -13.00 5.76
CA GLU A 9 -25.35 -13.42 7.15
C GLU A 9 -23.99 -13.83 7.71
N LEU A 10 -23.74 -13.47 8.96
CA LEU A 10 -22.48 -13.80 9.63
C LEU A 10 -22.78 -14.85 10.70
N ASP A 11 -22.35 -16.08 10.44
CA ASP A 11 -22.58 -17.19 11.36
C ASP A 11 -21.56 -17.25 12.47
N ASP A 12 -22.05 -17.44 13.69
CA ASP A 12 -21.18 -17.53 14.85
C ASP A 12 -20.67 -18.94 15.11
N VAL A 13 -19.41 -19.02 15.54
CA VAL A 13 -18.76 -20.30 15.85
C VAL A 13 -18.13 -20.20 17.24
N ALA A 14 -18.69 -20.94 18.20
CA ALA A 14 -18.19 -20.95 19.58
C ALA A 14 -18.05 -19.53 20.12
N ASN A 15 -18.96 -18.66 19.68
CA ASN A 15 -18.98 -17.25 20.08
C ASN A 15 -17.60 -16.64 20.29
N ILE A 16 -16.71 -16.84 19.33
CA ILE A 16 -15.36 -16.30 19.39
C ILE A 16 -15.01 -15.75 18.00
N MET A 17 -15.62 -16.33 16.97
CA MET A 17 -15.39 -15.90 15.59
C MET A 17 -16.66 -16.06 14.76
N PHE A 18 -16.69 -15.38 13.62
CA PHE A 18 -17.83 -15.42 12.71
C PHE A 18 -17.32 -15.37 11.28
N TYR A 19 -18.06 -16.01 10.38
CA TYR A 19 -17.68 -16.08 8.98
C TYR A 19 -18.94 -15.84 8.18
N GLY A 20 -18.78 -15.69 6.88
CA GLY A 20 -19.93 -15.49 6.02
C GLY A 20 -19.74 -16.33 4.76
N GLU A 21 -20.76 -16.44 3.93
CA GLU A 21 -20.61 -17.22 2.72
C GLU A 21 -20.37 -16.36 1.50
N GLY A 22 -19.53 -16.84 0.61
CA GLY A 22 -19.21 -16.15 -0.62
C GLY A 22 -19.02 -17.18 -1.73
N GLU A 23 -19.20 -16.77 -2.98
CA GLU A 23 -19.05 -17.67 -4.11
C GLU A 23 -18.12 -17.14 -5.19
N VAL A 24 -17.39 -18.06 -5.82
CA VAL A 24 -16.47 -17.73 -6.89
C VAL A 24 -16.69 -18.66 -8.08
N GLY A 25 -16.65 -18.11 -9.29
CA GLY A 25 -16.86 -18.91 -10.48
C GLY A 25 -18.30 -18.89 -10.95
N ASP A 26 -18.53 -19.09 -12.24
CA ASP A 26 -19.88 -19.09 -12.78
C ASP A 26 -20.68 -20.32 -12.32
N ASN A 27 -19.99 -21.35 -11.87
CA ASN A 27 -20.65 -22.55 -11.37
C ASN A 27 -21.00 -22.37 -9.90
N HIS A 28 -20.59 -21.22 -9.36
CA HIS A 28 -20.88 -20.83 -7.98
C HIS A 28 -20.37 -21.74 -6.86
N GLN A 29 -19.04 -21.88 -6.78
CA GLN A 29 -18.41 -22.68 -5.73
C GLN A 29 -18.51 -21.87 -4.44
N LYS A 30 -19.01 -22.49 -3.39
CA LYS A 30 -19.19 -21.82 -2.11
C LYS A 30 -17.98 -21.88 -1.19
N PHE A 31 -17.82 -20.83 -0.39
CA PHE A 31 -16.71 -20.71 0.56
C PHE A 31 -17.13 -19.98 1.82
N MET A 32 -16.51 -20.35 2.94
CA MET A 32 -16.77 -19.68 4.22
C MET A 32 -15.63 -18.65 4.27
N LEU A 33 -15.98 -17.38 4.38
CA LEU A 33 -14.97 -16.33 4.36
C LEU A 33 -14.96 -15.39 5.56
N ILE A 34 -13.79 -14.87 5.87
CA ILE A 34 -13.67 -13.89 6.92
C ILE A 34 -13.91 -12.56 6.20
N PHE A 35 -14.87 -11.76 6.66
CA PHE A 35 -15.08 -10.45 6.04
C PHE A 35 -14.23 -9.51 6.89
N ASP A 36 -13.06 -9.23 6.32
CA ASP A 36 -11.98 -8.47 6.93
C ASP A 36 -11.80 -6.99 6.52
N THR A 37 -12.23 -6.06 7.37
CA THR A 37 -12.06 -4.64 7.05
C THR A 37 -10.59 -4.26 7.16
N GLY A 38 -9.79 -5.16 7.72
CA GLY A 38 -8.37 -4.89 7.90
C GLY A 38 -7.48 -5.30 6.75
N SER A 39 -8.06 -5.70 5.62
CA SER A 39 -7.27 -6.09 4.45
C SER A 39 -8.03 -5.73 3.18
N ALA A 40 -7.35 -5.80 2.03
CA ALA A 40 -7.99 -5.42 0.76
C ALA A 40 -7.88 -6.41 -0.40
N ASN A 41 -7.65 -7.68 -0.08
CA ASN A 41 -7.57 -8.69 -1.13
C ASN A 41 -8.51 -9.83 -0.81
N LEU A 42 -8.99 -10.50 -1.85
CA LEU A 42 -9.86 -11.64 -1.68
C LEU A 42 -9.07 -12.89 -2.08
N TRP A 43 -9.21 -13.95 -1.29
CA TRP A 43 -8.55 -15.21 -1.62
C TRP A 43 -9.32 -16.39 -1.08
N VAL A 44 -9.26 -17.50 -1.82
CA VAL A 44 -9.90 -18.75 -1.44
C VAL A 44 -8.85 -19.81 -1.72
N PRO A 45 -8.80 -20.86 -0.91
CA PRO A 45 -7.81 -21.91 -1.13
C PRO A 45 -8.02 -22.56 -2.48
N SER A 46 -6.94 -22.74 -3.23
CA SER A 46 -7.00 -23.32 -4.56
C SER A 46 -6.94 -24.85 -4.62
N LYS A 47 -7.60 -25.40 -5.63
CA LYS A 47 -7.62 -26.83 -5.87
C LYS A 47 -6.17 -27.32 -5.94
N LYS A 48 -5.29 -26.45 -6.39
CA LYS A 48 -3.86 -26.77 -6.53
C LYS A 48 -3.09 -26.64 -5.22
N CYS A 49 -3.79 -26.36 -4.12
CA CYS A 49 -3.15 -26.21 -2.82
C CYS A 49 -2.81 -27.57 -2.18
N ASN A 50 -1.53 -27.77 -1.87
CA ASN A 50 -1.09 -29.02 -1.25
C ASN A 50 -0.95 -28.94 0.27
N SER A 51 -1.21 -27.77 0.82
CA SER A 51 -1.12 -27.57 2.26
C SER A 51 -2.08 -28.50 2.97
N SER A 52 -1.63 -29.11 4.06
CA SER A 52 -2.46 -30.02 4.81
C SER A 52 -3.75 -29.31 5.21
N GLY A 53 -3.63 -28.02 5.56
CA GLY A 53 -4.78 -27.23 5.94
C GLY A 53 -5.83 -27.23 4.85
N CYS A 54 -5.37 -27.20 3.60
CA CYS A 54 -6.27 -27.20 2.45
C CYS A 54 -7.04 -28.51 2.31
N SER A 55 -6.53 -29.58 2.92
CA SER A 55 -7.19 -30.89 2.82
C SER A 55 -8.55 -30.94 3.52
N ILE A 56 -8.82 -29.94 4.36
CA ILE A 56 -10.10 -29.89 5.08
C ILE A 56 -10.87 -28.61 4.75
N LYS A 57 -10.51 -27.99 3.63
CA LYS A 57 -11.15 -26.75 3.22
C LYS A 57 -11.79 -26.87 1.83
N ASN A 58 -12.78 -26.02 1.58
CA ASN A 58 -13.45 -25.98 0.29
C ASN A 58 -12.46 -25.33 -0.67
N LEU A 59 -12.07 -26.05 -1.71
CA LEU A 59 -11.10 -25.52 -2.66
C LEU A 59 -11.76 -25.00 -3.93
N TYR A 60 -11.05 -24.18 -4.68
CA TYR A 60 -11.56 -23.61 -5.92
C TYR A 60 -10.95 -24.27 -7.14
N ASP A 61 -11.81 -24.76 -8.01
CA ASP A 61 -11.39 -25.42 -9.23
C ASP A 61 -11.69 -24.48 -10.40
N SER A 62 -10.65 -23.83 -10.91
CA SER A 62 -10.81 -22.90 -12.02
C SER A 62 -11.19 -23.53 -13.35
N SER A 63 -11.10 -24.86 -13.44
CA SER A 63 -11.44 -25.52 -14.68
C SER A 63 -12.95 -25.70 -14.79
N LYS A 64 -13.64 -25.69 -13.65
CA LYS A 64 -15.08 -25.85 -13.64
C LYS A 64 -15.86 -24.54 -13.78
N SER A 65 -15.18 -23.49 -14.26
CA SER A 65 -15.81 -22.19 -14.45
C SER A 65 -15.44 -21.60 -15.82
N LYS A 66 -16.45 -21.36 -16.65
CA LYS A 66 -16.24 -20.81 -17.99
C LYS A 66 -15.87 -19.33 -17.96
N SER A 67 -16.15 -18.68 -16.83
CA SER A 67 -15.87 -17.26 -16.66
C SER A 67 -14.47 -16.98 -16.12
N TYR A 68 -13.75 -18.05 -15.79
CA TYR A 68 -12.40 -17.97 -15.26
C TYR A 68 -11.41 -17.33 -16.22
N GLU A 69 -10.71 -16.31 -15.75
CA GLU A 69 -9.71 -15.61 -16.54
C GLU A 69 -8.35 -15.87 -15.89
N LYS A 70 -7.49 -16.60 -16.57
CA LYS A 70 -6.17 -16.91 -16.02
C LYS A 70 -5.28 -15.68 -15.96
N ASP A 71 -4.46 -15.62 -14.92
CA ASP A 71 -3.51 -14.53 -14.71
C ASP A 71 -2.17 -15.22 -14.47
N GLY A 72 -2.00 -15.79 -13.28
CA GLY A 72 -0.78 -16.51 -12.97
C GLY A 72 0.24 -15.76 -12.13
N THR A 73 0.14 -14.43 -12.13
CA THR A 73 1.07 -13.60 -11.36
C THR A 73 1.11 -14.06 -9.89
N LYS A 74 2.32 -14.29 -9.39
CA LYS A 74 2.49 -14.75 -8.02
C LYS A 74 2.36 -13.60 -7.03
N VAL A 75 1.82 -13.91 -5.86
CA VAL A 75 1.61 -12.90 -4.84
C VAL A 75 1.44 -13.51 -3.45
N ASP A 76 1.91 -12.79 -2.45
CA ASP A 76 1.79 -13.22 -1.06
C ASP A 76 1.04 -12.14 -0.30
N ILE A 77 0.29 -12.55 0.71
CA ILE A 77 -0.45 -11.60 1.54
C ILE A 77 -0.04 -11.88 2.98
N THR A 78 0.56 -10.90 3.62
CA THR A 78 0.99 -11.05 5.00
C THR A 78 0.01 -10.45 6.00
N TYR A 79 -0.48 -11.27 6.93
CA TYR A 79 -1.39 -10.78 7.96
C TYR A 79 -0.66 -10.88 9.29
N GLY A 80 -1.19 -10.22 10.32
CA GLY A 80 -0.53 -10.29 11.61
C GLY A 80 -0.42 -11.75 12.07
N SER A 81 -1.39 -12.57 11.68
CA SER A 81 -1.41 -13.97 12.06
C SER A 81 -0.62 -14.89 11.14
N GLY A 82 -0.09 -14.34 10.05
CA GLY A 82 0.68 -15.17 9.14
C GLY A 82 0.52 -14.78 7.68
N THR A 83 1.29 -15.45 6.82
CA THR A 83 1.30 -15.20 5.38
C THR A 83 0.74 -16.37 4.54
N VAL A 84 0.05 -16.04 3.46
CA VAL A 84 -0.48 -17.05 2.54
C VAL A 84 0.10 -16.72 1.18
N LYS A 85 0.26 -17.75 0.34
CA LYS A 85 0.82 -17.54 -0.99
C LYS A 85 -0.04 -18.16 -2.09
N GLY A 86 0.08 -17.64 -3.30
CA GLY A 86 -0.68 -18.15 -4.42
C GLY A 86 -0.45 -17.31 -5.65
N PHE A 87 -1.46 -17.22 -6.51
CA PHE A 87 -1.35 -16.43 -7.73
C PHE A 87 -2.69 -15.80 -8.07
N PHE A 88 -2.67 -14.71 -8.81
CA PHE A 88 -3.91 -14.05 -9.18
C PHE A 88 -4.67 -14.79 -10.26
N SER A 89 -5.99 -14.59 -10.23
CA SER A 89 -6.93 -15.15 -11.18
C SER A 89 -8.04 -14.13 -11.18
N LYS A 90 -9.04 -14.35 -12.03
CA LYS A 90 -10.18 -13.46 -12.12
C LYS A 90 -11.36 -14.28 -12.55
N ASP A 91 -12.39 -14.29 -11.72
CA ASP A 91 -13.58 -15.05 -12.04
C ASP A 91 -14.77 -14.33 -11.43
N LEU A 92 -15.96 -14.88 -11.60
CA LEU A 92 -17.15 -14.26 -11.05
C LEU A 92 -17.19 -14.43 -9.54
N VAL A 93 -17.43 -13.34 -8.84
CA VAL A 93 -17.50 -13.35 -7.39
C VAL A 93 -18.93 -13.00 -7.01
N THR A 94 -19.52 -13.82 -6.13
CA THR A 94 -20.90 -13.61 -5.71
C THR A 94 -21.03 -13.41 -4.20
N LEU A 95 -21.65 -12.30 -3.82
CA LEU A 95 -21.90 -11.98 -2.42
C LEU A 95 -23.39 -11.69 -2.33
N GLY A 96 -24.10 -12.50 -1.55
CA GLY A 96 -25.53 -12.30 -1.43
C GLY A 96 -26.17 -12.44 -2.82
N HIS A 97 -27.06 -11.52 -3.16
CA HIS A 97 -27.71 -11.59 -4.47
C HIS A 97 -26.99 -10.76 -5.53
N LEU A 98 -25.77 -10.31 -5.22
CA LEU A 98 -24.99 -9.54 -6.20
C LEU A 98 -23.81 -10.37 -6.67
N SER A 99 -23.34 -10.10 -7.87
CA SER A 99 -22.23 -10.85 -8.43
C SER A 99 -21.42 -9.93 -9.35
N MET A 100 -20.18 -10.33 -9.67
CA MET A 100 -19.33 -9.53 -10.55
C MET A 100 -17.94 -10.12 -10.74
N PRO A 101 -17.37 -9.98 -11.95
CA PRO A 101 -16.03 -10.50 -12.26
C PRO A 101 -15.05 -9.73 -11.38
N TYR A 102 -14.21 -10.44 -10.63
CA TYR A 102 -13.30 -9.76 -9.73
C TYR A 102 -11.95 -10.48 -9.60
N LYS A 103 -10.87 -9.69 -9.69
CA LYS A 103 -9.52 -10.22 -9.56
C LYS A 103 -9.34 -10.74 -8.12
N PHE A 104 -8.84 -11.95 -7.98
CA PHE A 104 -8.66 -12.52 -6.65
C PHE A 104 -7.44 -13.42 -6.64
N ILE A 105 -7.14 -13.98 -5.48
CA ILE A 105 -5.99 -14.85 -5.36
C ILE A 105 -6.40 -16.28 -5.07
N GLU A 106 -5.71 -17.22 -5.74
CA GLU A 106 -5.93 -18.64 -5.51
C GLU A 106 -4.75 -18.99 -4.62
N VAL A 107 -5.01 -19.27 -3.36
CA VAL A 107 -3.94 -19.60 -2.44
C VAL A 107 -3.55 -21.06 -2.53
N ILE A 108 -2.24 -21.28 -2.72
CA ILE A 108 -1.71 -22.62 -2.83
C ILE A 108 -0.79 -23.00 -1.67
N ASP A 109 -0.60 -22.05 -0.75
CA ASP A 109 0.25 -22.32 0.40
C ASP A 109 -0.25 -21.61 1.64
N THR A 110 -0.61 -22.39 2.65
CA THR A 110 -1.15 -21.87 3.90
C THR A 110 -0.40 -22.27 5.17
N ASP A 111 0.71 -22.97 5.03
CA ASP A 111 1.47 -23.40 6.21
C ASP A 111 1.77 -22.30 7.23
N ASP A 112 2.16 -21.12 6.76
CA ASP A 112 2.49 -20.04 7.70
C ASP A 112 1.25 -19.40 8.33
N LEU A 113 0.07 -19.94 8.08
CA LEU A 113 -1.14 -19.40 8.70
C LEU A 113 -1.59 -20.37 9.79
N GLU A 114 -0.82 -21.44 9.99
CA GLU A 114 -1.11 -22.44 11.01
C GLU A 114 -0.47 -21.99 12.31
N PRO A 115 -0.95 -22.51 13.45
CA PRO A 115 -2.06 -23.47 13.59
C PRO A 115 -3.47 -22.86 13.48
N ILE A 116 -3.57 -21.55 13.36
CA ILE A 116 -4.88 -20.89 13.25
C ILE A 116 -5.76 -21.46 12.13
N TYR A 117 -5.25 -21.42 10.90
CA TYR A 117 -6.01 -21.86 9.73
C TYR A 117 -6.83 -23.15 9.92
N SER A 118 -6.20 -24.22 10.40
CA SER A 118 -6.92 -25.48 10.59
C SER A 118 -7.74 -25.56 11.87
N SER A 119 -7.40 -24.76 12.87
CA SER A 119 -8.15 -24.81 14.13
C SER A 119 -9.50 -24.12 14.03
N VAL A 120 -9.62 -23.12 13.15
CA VAL A 120 -10.89 -22.40 12.97
C VAL A 120 -11.50 -22.77 11.63
N GLU A 121 -12.75 -22.36 11.41
CA GLU A 121 -13.40 -22.71 10.16
C GLU A 121 -13.76 -21.60 9.19
N PHE A 122 -12.87 -21.37 8.23
CA PHE A 122 -13.08 -20.41 7.16
C PHE A 122 -12.12 -20.88 6.07
N ASP A 123 -12.53 -20.74 4.82
CA ASP A 123 -11.69 -21.19 3.73
C ASP A 123 -10.78 -20.07 3.27
N GLY A 124 -11.36 -18.90 3.07
CA GLY A 124 -10.60 -17.76 2.60
C GLY A 124 -10.96 -16.47 3.30
N ILE A 125 -10.47 -15.37 2.74
CA ILE A 125 -10.69 -14.06 3.33
C ILE A 125 -11.05 -13.05 2.27
N LEU A 126 -12.07 -12.24 2.56
CA LEU A 126 -12.46 -11.19 1.63
C LEU A 126 -12.12 -9.86 2.28
N GLY A 127 -11.19 -9.13 1.67
CA GLY A 127 -10.82 -7.84 2.22
C GLY A 127 -11.86 -6.78 1.91
N LEU A 128 -12.04 -5.85 2.85
CA LEU A 128 -12.98 -4.77 2.70
C LEU A 128 -12.30 -3.42 2.98
N GLY A 129 -10.97 -3.40 2.88
CA GLY A 129 -10.23 -2.18 3.12
C GLY A 129 -10.25 -1.26 1.89
N TRP A 130 -9.20 -0.48 1.71
CA TRP A 130 -9.13 0.43 0.57
C TRP A 130 -8.11 -0.06 -0.45
N LYS A 131 -8.15 0.52 -1.64
CA LYS A 131 -7.24 0.14 -2.70
C LYS A 131 -5.76 0.09 -2.32
N ASP A 132 -5.24 1.14 -1.69
CA ASP A 132 -3.82 1.11 -1.32
C ASP A 132 -3.43 0.09 -0.27
N LEU A 133 -4.41 -0.56 0.35
CA LEU A 133 -4.12 -1.59 1.35
C LEU A 133 -4.02 -2.95 0.65
N SER A 134 -4.39 -3.00 -0.62
CA SER A 134 -4.33 -4.24 -1.37
C SER A 134 -3.00 -4.40 -2.08
N ILE A 135 -2.71 -5.65 -2.44
CA ILE A 135 -1.51 -5.94 -3.18
C ILE A 135 -2.04 -6.23 -4.59
N GLY A 136 -1.64 -5.41 -5.55
CA GLY A 136 -2.09 -5.56 -6.92
C GLY A 136 -3.06 -4.46 -7.33
N SER A 137 -3.11 -3.38 -6.56
CA SER A 137 -4.00 -2.24 -6.86
C SER A 137 -5.38 -2.71 -7.30
N ILE A 138 -6.13 -3.27 -6.37
CA ILE A 138 -7.46 -3.75 -6.69
C ILE A 138 -8.50 -2.85 -6.04
N ASP A 139 -9.46 -2.37 -6.83
CA ASP A 139 -10.50 -1.50 -6.30
C ASP A 139 -11.45 -2.30 -5.42
N PRO A 140 -11.79 -1.76 -4.25
CA PRO A 140 -12.70 -2.46 -3.34
C PRO A 140 -13.97 -2.86 -4.09
N ILE A 141 -14.40 -4.09 -3.87
CA ILE A 141 -15.58 -4.58 -4.55
C ILE A 141 -16.82 -3.75 -4.28
N VAL A 142 -16.95 -3.23 -3.06
CA VAL A 142 -18.11 -2.40 -2.75
C VAL A 142 -18.05 -1.14 -3.60
N VAL A 143 -16.83 -0.66 -3.86
CA VAL A 143 -16.68 0.53 -4.70
C VAL A 143 -17.07 0.12 -6.12
N GLU A 144 -16.67 -1.09 -6.52
CA GLU A 144 -16.98 -1.62 -7.85
C GLU A 144 -18.48 -1.69 -8.02
N LEU A 145 -19.15 -2.36 -7.10
CA LEU A 145 -20.60 -2.51 -7.14
C LEU A 145 -21.32 -1.18 -7.25
N LYS A 146 -20.92 -0.21 -6.46
CA LYS A 146 -21.56 1.09 -6.50
C LYS A 146 -21.39 1.70 -7.89
N ASN A 147 -20.19 1.63 -8.44
CA ASN A 147 -19.96 2.18 -9.76
C ASN A 147 -20.84 1.50 -10.80
N GLN A 148 -21.00 0.18 -10.68
CA GLN A 148 -21.82 -0.57 -11.61
C GLN A 148 -23.30 -0.50 -11.21
N ASN A 149 -23.61 0.46 -10.34
CA ASN A 149 -24.97 0.69 -9.85
C ASN A 149 -25.78 -0.51 -9.38
N LYS A 150 -25.16 -1.40 -8.64
CA LYS A 150 -25.87 -2.57 -8.12
C LYS A 150 -26.32 -2.33 -6.67
N ILE A 151 -25.83 -1.24 -6.08
CA ILE A 151 -26.18 -0.86 -4.71
C ILE A 151 -26.34 0.66 -4.63
N ASP A 152 -27.18 1.11 -3.70
CA ASP A 152 -27.46 2.54 -3.51
C ASP A 152 -26.28 3.39 -3.08
N ASN A 153 -25.46 2.86 -2.17
CA ASN A 153 -24.31 3.61 -1.66
C ASN A 153 -23.05 2.76 -1.56
N ALA A 154 -21.90 3.38 -1.73
CA ALA A 154 -20.64 2.67 -1.62
C ALA A 154 -20.32 2.61 -0.12
N LEU A 155 -21.04 1.75 0.59
CA LEU A 155 -20.83 1.59 2.02
C LEU A 155 -21.27 0.19 2.45
N PHE A 156 -20.81 -0.22 3.63
CA PHE A 156 -21.21 -1.51 4.18
C PHE A 156 -21.24 -1.39 5.69
N THR A 157 -21.98 -2.27 6.35
CA THR A 157 -22.08 -2.19 7.79
C THR A 157 -21.89 -3.55 8.42
N PHE A 158 -21.40 -3.55 9.66
CA PHE A 158 -21.18 -4.78 10.39
C PHE A 158 -22.00 -4.85 11.65
N TYR A 159 -22.85 -5.86 11.72
CA TYR A 159 -23.66 -6.09 12.90
C TYR A 159 -23.21 -7.48 13.33
N LEU A 160 -22.41 -7.56 14.39
CA LEU A 160 -21.91 -8.85 14.83
C LEU A 160 -22.94 -9.69 15.58
N PRO A 161 -22.86 -11.02 15.45
CA PRO A 161 -23.77 -11.95 16.11
C PRO A 161 -23.50 -12.03 17.60
N VAL A 162 -24.44 -12.67 18.30
CA VAL A 162 -24.33 -12.91 19.72
C VAL A 162 -24.88 -14.32 19.89
N HIS A 163 -23.99 -15.26 20.18
CA HIS A 163 -24.32 -16.66 20.34
C HIS A 163 -25.62 -16.89 21.13
N ASP A 164 -26.47 -17.76 20.58
CA ASP A 164 -27.75 -18.10 21.21
C ASP A 164 -28.66 -16.94 21.52
N VAL A 165 -28.49 -15.86 20.76
CA VAL A 165 -29.31 -14.67 20.93
C VAL A 165 -29.80 -14.28 19.54
N HIS A 166 -28.86 -14.01 18.65
CA HIS A 166 -29.19 -13.64 17.29
C HIS A 166 -27.96 -13.78 16.40
N ALA A 167 -28.19 -13.83 15.09
CA ALA A 167 -27.10 -13.94 14.13
C ALA A 167 -26.69 -12.52 13.73
N GLY A 168 -25.54 -12.42 13.06
CA GLY A 168 -25.06 -11.12 12.64
C GLY A 168 -25.15 -10.96 11.13
N TYR A 169 -25.01 -9.73 10.66
CA TYR A 169 -25.10 -9.50 9.23
C TYR A 169 -24.15 -8.43 8.68
N LEU A 170 -23.60 -8.74 7.51
CA LEU A 170 -22.75 -7.81 6.80
C LEU A 170 -23.73 -7.23 5.77
N THR A 171 -24.04 -5.95 5.89
CA THR A 171 -24.95 -5.33 4.95
C THR A 171 -24.21 -4.41 4.01
N ILE A 172 -24.41 -4.62 2.71
CA ILE A 172 -23.77 -3.84 1.67
C ILE A 172 -24.78 -2.97 0.92
N GLY A 173 -24.49 -1.68 0.79
CA GLY A 173 -25.39 -0.81 0.06
C GLY A 173 -26.15 0.26 0.80
N GLY A 174 -26.62 -0.04 2.01
CA GLY A 174 -27.36 0.96 2.78
C GLY A 174 -27.35 0.67 4.27
N ILE A 175 -27.79 1.65 5.05
CA ILE A 175 -27.83 1.51 6.51
C ILE A 175 -29.20 1.09 7.07
N GLU A 176 -29.27 -0.10 7.64
CA GLU A 176 -30.49 -0.65 8.23
C GLU A 176 -30.64 -0.26 9.70
N GLU A 177 -31.62 0.59 9.98
CA GLU A 177 -31.88 1.08 11.34
C GLU A 177 -32.27 0.06 12.42
N LYS A 178 -32.58 -1.17 12.04
CA LYS A 178 -32.97 -2.17 13.04
C LYS A 178 -31.77 -2.76 13.79
N PHE A 179 -30.55 -2.43 13.34
CA PHE A 179 -29.33 -2.95 13.95
C PHE A 179 -28.79 -2.18 15.15
N TYR A 180 -29.17 -0.92 15.29
CA TYR A 180 -28.62 -0.12 16.38
C TYR A 180 -29.58 0.82 17.10
N GLU A 181 -29.14 1.30 18.25
CA GLU A 181 -29.91 2.25 19.06
C GLU A 181 -29.41 3.65 18.68
N GLY A 182 -30.16 4.68 19.09
CA GLY A 182 -29.80 6.05 18.80
C GLY A 182 -29.39 6.33 17.35
N ASN A 183 -28.49 7.28 17.17
CA ASN A 183 -28.02 7.62 15.83
C ASN A 183 -26.53 7.45 15.63
N ILE A 184 -26.14 7.29 14.37
CA ILE A 184 -24.76 7.08 13.98
C ILE A 184 -23.87 8.32 13.94
N THR A 185 -22.76 8.29 14.65
CA THR A 185 -21.83 9.40 14.58
C THR A 185 -20.64 8.93 13.76
N TYR A 186 -20.14 9.80 12.89
CA TYR A 186 -19.01 9.44 12.04
C TYR A 186 -17.69 10.04 12.45
N GLU A 187 -16.62 9.37 12.05
CA GLU A 187 -15.25 9.81 12.33
C GLU A 187 -14.51 9.71 10.98
N LYS A 188 -13.94 10.83 10.54
CA LYS A 188 -13.23 10.88 9.26
C LYS A 188 -11.95 10.06 9.31
N LEU A 189 -11.61 9.39 8.21
CA LEU A 189 -10.40 8.58 8.18
C LEU A 189 -9.17 9.46 8.08
N ASN A 190 -8.06 9.06 8.70
CA ASN A 190 -6.84 9.87 8.61
C ASN A 190 -6.08 9.43 7.36
N HIS A 191 -6.45 8.27 6.83
CA HIS A 191 -5.88 7.73 5.60
C HIS A 191 -6.87 6.75 4.99
N ASP A 192 -6.96 6.71 3.67
CA ASP A 192 -7.84 5.76 2.99
C ASP A 192 -7.00 4.52 2.68
N LEU A 193 -6.63 3.79 3.74
CA LEU A 193 -5.82 2.59 3.65
C LEU A 193 -6.60 1.54 4.41
N TYR A 194 -6.50 1.56 5.74
CA TYR A 194 -7.31 0.68 6.57
C TYR A 194 -8.44 1.63 6.96
N TRP A 195 -9.42 1.16 7.71
CA TRP A 195 -10.45 2.07 8.15
C TRP A 195 -9.85 2.55 9.46
N GLN A 196 -9.03 3.59 9.33
CA GLN A 196 -8.28 4.15 10.45
C GLN A 196 -8.60 5.61 10.74
N ILE A 197 -8.83 5.91 12.02
CA ILE A 197 -9.19 7.25 12.47
C ILE A 197 -8.37 7.75 13.65
N ASP A 198 -8.46 9.04 13.96
CA ASP A 198 -7.74 9.60 15.09
C ASP A 198 -8.63 9.58 16.33
N LEU A 199 -8.10 9.04 17.42
CA LEU A 199 -8.84 9.00 18.68
C LEU A 199 -7.88 9.08 19.85
N ASP A 200 -8.30 9.74 20.92
CA ASP A 200 -7.48 9.79 22.11
C ASP A 200 -7.82 8.49 22.79
N VAL A 201 -6.80 7.66 23.04
CA VAL A 201 -7.00 6.39 23.70
C VAL A 201 -6.81 6.49 25.21
N HIS A 202 -7.81 6.04 25.95
CA HIS A 202 -7.76 6.07 27.41
C HIS A 202 -7.97 4.67 27.97
N PHE A 203 -6.89 4.07 28.48
CA PHE A 203 -6.94 2.74 29.09
C PHE A 203 -6.73 3.02 30.59
N GLY A 204 -7.77 3.55 31.23
CA GLY A 204 -7.63 3.90 32.64
C GLY A 204 -6.89 5.22 32.67
N LYS A 205 -5.81 5.31 33.45
CA LYS A 205 -5.06 6.55 33.49
C LYS A 205 -4.10 6.66 32.32
N GLN A 206 -3.81 5.55 31.65
CA GLN A 206 -2.92 5.58 30.50
C GLN A 206 -3.61 6.21 29.30
N THR A 207 -2.96 7.21 28.74
CA THR A 207 -3.50 7.94 27.61
C THR A 207 -2.53 8.07 26.45
N MET A 208 -3.07 8.09 25.24
CA MET A 208 -2.28 8.25 24.03
C MET A 208 -3.16 9.14 23.17
N GLU A 209 -2.87 10.43 23.15
CA GLU A 209 -3.66 11.38 22.37
C GLU A 209 -3.42 11.26 20.87
N LYS A 210 -4.46 11.60 20.12
CA LYS A 210 -4.41 11.57 18.67
C LYS A 210 -3.77 10.29 18.16
N ALA A 211 -4.19 9.16 18.71
CA ALA A 211 -3.67 7.86 18.30
C ALA A 211 -4.30 7.46 16.95
N ASN A 212 -3.64 6.54 16.26
CA ASN A 212 -4.12 6.03 14.97
C ASN A 212 -4.86 4.73 15.27
N VAL A 213 -6.17 4.73 15.09
CA VAL A 213 -6.96 3.54 15.39
C VAL A 213 -7.61 2.86 14.19
N ILE A 214 -7.31 1.57 14.06
CA ILE A 214 -7.85 0.77 12.98
C ILE A 214 -9.06 -0.03 13.44
N VAL A 215 -10.16 0.08 12.70
CA VAL A 215 -11.39 -0.65 13.00
C VAL A 215 -11.30 -1.89 12.12
N ASP A 216 -11.09 -3.05 12.75
CA ASP A 216 -10.89 -4.29 12.01
C ASP A 216 -11.76 -5.45 12.44
N SER A 217 -12.69 -5.84 11.57
CA SER A 217 -13.60 -6.96 11.81
C SER A 217 -12.85 -8.28 11.79
N GLY A 218 -11.68 -8.28 11.16
CA GLY A 218 -10.88 -9.49 11.06
C GLY A 218 -9.97 -9.76 12.24
N THR A 219 -9.99 -8.87 13.24
CA THR A 219 -9.17 -9.03 14.44
C THR A 219 -10.07 -9.34 15.65
N THR A 220 -9.72 -10.40 16.37
CA THR A 220 -10.49 -10.87 17.53
C THR A 220 -10.15 -10.27 18.90
N THR A 221 -9.29 -9.26 18.94
CA THR A 221 -8.94 -8.62 20.21
C THR A 221 -8.76 -7.13 20.01
N ILE A 222 -8.37 -6.47 21.09
CA ILE A 222 -8.09 -5.04 21.06
C ILE A 222 -6.57 -5.03 21.13
N THR A 223 -5.90 -4.40 20.18
CA THR A 223 -4.43 -4.38 20.24
C THR A 223 -3.89 -3.00 20.57
N ALA A 224 -2.70 -2.97 21.17
CA ALA A 224 -2.04 -1.73 21.52
C ALA A 224 -0.54 -1.94 21.41
N PRO A 225 0.23 -0.85 21.26
CA PRO A 225 1.68 -0.99 21.17
C PRO A 225 2.19 -1.68 22.46
N SER A 226 3.23 -2.50 22.32
CA SER A 226 3.79 -3.23 23.46
C SER A 226 4.07 -2.39 24.71
N GLU A 227 4.81 -1.31 24.54
CA GLU A 227 5.18 -0.45 25.65
C GLU A 227 3.98 0.07 26.42
N PHE A 228 2.94 0.43 25.68
CA PHE A 228 1.72 0.95 26.27
C PHE A 228 0.91 -0.14 26.96
N LEU A 229 0.77 -1.30 26.31
CA LEU A 229 0.01 -2.38 26.90
C LEU A 229 0.73 -3.02 28.08
N ASN A 230 2.06 -3.18 28.00
CA ASN A 230 2.77 -3.77 29.13
C ASN A 230 2.64 -2.89 30.39
N LYS A 231 2.65 -1.57 30.21
CA LYS A 231 2.48 -0.68 31.36
C LYS A 231 1.10 -0.97 31.95
N PHE A 232 0.10 -0.95 31.07
CA PHE A 232 -1.28 -1.20 31.46
C PHE A 232 -1.44 -2.46 32.31
N PHE A 233 -0.91 -3.58 31.83
CA PHE A 233 -1.02 -4.84 32.56
C PHE A 233 -0.18 -4.85 33.84
N ALA A 234 0.80 -3.97 33.90
CA ALA A 234 1.71 -3.89 35.06
C ALA A 234 1.01 -3.70 36.39
N ASN A 235 0.24 -2.62 36.51
CA ASN A 235 -0.46 -2.32 37.75
C ASN A 235 -1.83 -2.95 37.91
N LEU A 236 -2.24 -3.77 36.95
CA LEU A 236 -3.55 -4.41 37.03
C LEU A 236 -3.53 -5.89 37.35
N ASN A 237 -2.38 -6.40 37.78
CA ASN A 237 -2.28 -7.82 38.09
C ASN A 237 -2.75 -8.69 36.94
N VAL A 238 -2.20 -8.45 35.77
CA VAL A 238 -2.54 -9.23 34.60
C VAL A 238 -1.33 -10.11 34.32
N ILE A 239 -1.53 -11.42 34.28
CA ILE A 239 -0.42 -12.32 34.03
C ILE A 239 -0.42 -12.86 32.61
N LYS A 240 0.77 -12.91 32.01
CA LYS A 240 0.92 -13.42 30.67
C LYS A 240 1.37 -14.87 30.72
N VAL A 241 0.69 -15.72 29.97
CA VAL A 241 1.08 -17.11 29.93
C VAL A 241 2.36 -17.10 29.11
N PRO A 242 3.44 -17.67 29.66
CA PRO A 242 4.73 -17.70 28.96
C PRO A 242 4.64 -18.10 27.48
N PHE A 243 5.39 -17.38 26.65
CA PHE A 243 5.43 -17.58 25.20
C PHE A 243 4.08 -17.80 24.52
N LEU A 244 3.03 -17.22 25.10
CA LEU A 244 1.69 -17.33 24.53
C LEU A 244 0.95 -16.00 24.55
N PRO A 245 0.24 -15.68 23.46
CA PRO A 245 -0.54 -14.45 23.31
C PRO A 245 -1.78 -14.38 24.21
N PHE A 246 -1.66 -14.90 25.43
CA PHE A 246 -2.78 -14.89 26.35
C PHE A 246 -2.46 -14.18 27.66
N TYR A 247 -3.42 -13.39 28.12
CA TYR A 247 -3.27 -12.65 29.36
C TYR A 247 -4.45 -12.89 30.26
N VAL A 248 -4.17 -13.19 31.53
CA VAL A 248 -5.25 -13.46 32.45
C VAL A 248 -5.11 -12.68 33.75
N THR A 249 -6.22 -12.58 34.46
CA THR A 249 -6.29 -11.91 35.75
C THR A 249 -7.53 -12.52 36.40
N THR A 250 -7.89 -12.04 37.59
CA THR A 250 -9.07 -12.55 38.27
C THR A 250 -10.31 -11.91 37.67
N CYS A 251 -11.39 -12.68 37.59
CA CYS A 251 -12.65 -12.18 37.03
C CYS A 251 -13.24 -11.12 37.95
N ASP A 252 -12.89 -11.23 39.24
CA ASP A 252 -13.37 -10.31 40.26
C ASP A 252 -12.50 -9.07 40.39
N ASN A 253 -11.61 -8.86 39.43
CA ASN A 253 -10.74 -7.70 39.47
C ASN A 253 -11.60 -6.48 39.19
N LYS A 254 -11.84 -5.64 40.20
CA LYS A 254 -12.67 -4.47 40.00
C LYS A 254 -11.88 -3.28 39.47
N GLU A 255 -10.57 -3.44 39.34
CA GLU A 255 -9.74 -2.36 38.85
C GLU A 255 -9.59 -2.28 37.34
N MET A 256 -10.14 -3.25 36.60
CA MET A 256 -10.06 -3.21 35.15
C MET A 256 -10.97 -2.05 34.73
N PRO A 257 -10.40 -0.99 34.14
CA PRO A 257 -11.15 0.19 33.71
C PRO A 257 -11.98 0.04 32.44
N THR A 258 -12.84 1.04 32.23
CA THR A 258 -13.67 1.11 31.04
C THR A 258 -12.77 1.85 30.06
N LEU A 259 -12.59 1.27 28.88
CA LEU A 259 -11.74 1.89 27.87
C LEU A 259 -12.48 3.07 27.25
N GLU A 260 -11.77 4.16 27.00
CA GLU A 260 -12.37 5.33 26.38
C GLU A 260 -11.62 5.78 25.13
N PHE A 261 -12.38 6.02 24.07
CA PHE A 261 -11.85 6.46 22.79
C PHE A 261 -12.59 7.74 22.45
N LYS A 262 -11.90 8.86 22.51
CA LYS A 262 -12.54 10.14 22.25
C LYS A 262 -12.03 10.88 21.02
N SER A 263 -12.95 11.44 20.26
CA SER A 263 -12.59 12.23 19.11
C SER A 263 -13.00 13.62 19.58
N ALA A 264 -12.90 14.62 18.72
CA ALA A 264 -13.29 15.98 19.10
C ALA A 264 -14.72 16.03 19.63
N ASN A 265 -15.65 15.45 18.87
CA ASN A 265 -17.07 15.49 19.20
C ASN A 265 -17.68 14.26 19.90
N ASN A 266 -17.05 13.10 19.74
CA ASN A 266 -17.64 11.89 20.31
C ASN A 266 -16.74 11.08 21.23
N THR A 267 -17.41 10.19 21.97
CA THR A 267 -16.76 9.30 22.90
C THR A 267 -17.30 7.88 22.71
N TYR A 268 -16.40 6.91 22.73
CA TYR A 268 -16.76 5.50 22.57
C TYR A 268 -16.10 4.77 23.72
N THR A 269 -16.88 4.00 24.47
CA THR A 269 -16.34 3.28 25.60
C THR A 269 -16.51 1.78 25.44
N LEU A 270 -15.73 1.03 26.22
CA LEU A 270 -15.79 -0.41 26.17
C LEU A 270 -15.63 -0.92 27.60
N GLU A 271 -16.74 -1.31 28.22
CA GLU A 271 -16.72 -1.80 29.59
C GLU A 271 -15.94 -3.10 29.66
N PRO A 272 -15.37 -3.40 30.84
CA PRO A 272 -14.57 -4.62 31.05
C PRO A 272 -15.30 -5.90 30.64
N GLU A 273 -16.63 -5.89 30.73
CA GLU A 273 -17.37 -7.09 30.38
C GLU A 273 -17.11 -7.45 28.93
N TYR A 274 -16.83 -6.44 28.10
CA TYR A 274 -16.58 -6.71 26.69
C TYR A 274 -15.15 -7.19 26.37
N TYR A 275 -14.24 -7.11 27.34
CA TYR A 275 -12.89 -7.58 27.06
C TYR A 275 -12.33 -8.59 28.06
N MET A 276 -13.23 -9.18 28.86
CA MET A 276 -12.86 -10.20 29.85
C MET A 276 -13.75 -11.42 29.68
N ASN A 277 -13.18 -12.60 29.85
CA ASN A 277 -13.96 -13.84 29.74
C ASN A 277 -13.43 -14.91 30.67
N PRO A 278 -14.32 -15.56 31.44
CA PRO A 278 -13.87 -16.61 32.35
C PRO A 278 -13.22 -17.70 31.49
N ILE A 279 -12.10 -18.24 31.97
CA ILE A 279 -11.40 -19.26 31.20
C ILE A 279 -12.15 -20.59 31.21
N LEU A 280 -12.52 -21.08 32.38
CA LEU A 280 -13.25 -22.34 32.46
C LEU A 280 -14.75 -22.08 32.49
N GLU A 281 -15.54 -23.01 31.96
CA GLU A 281 -16.99 -22.88 31.94
C GLU A 281 -17.63 -23.28 33.27
N VAL A 282 -16.82 -23.80 34.18
CA VAL A 282 -17.31 -24.22 35.50
C VAL A 282 -16.64 -23.43 36.63
N ASP A 283 -15.41 -23.00 36.39
CA ASP A 283 -14.67 -22.24 37.39
C ASP A 283 -14.46 -20.81 36.87
N ASP A 284 -15.19 -19.86 37.46
CA ASP A 284 -15.09 -18.46 37.05
C ASP A 284 -14.14 -17.64 37.92
N THR A 285 -13.03 -18.25 38.30
CA THR A 285 -12.03 -17.58 39.12
C THR A 285 -11.15 -16.68 38.25
N LEU A 286 -10.49 -17.27 37.27
CA LEU A 286 -9.63 -16.51 36.38
C LEU A 286 -10.32 -16.11 35.08
N CYS A 287 -10.01 -14.92 34.57
CA CYS A 287 -10.58 -14.43 33.32
C CYS A 287 -9.51 -14.08 32.30
N MET A 288 -9.83 -14.28 31.03
CA MET A 288 -8.92 -13.95 29.96
C MET A 288 -9.14 -12.49 29.56
N ILE A 289 -8.07 -11.78 29.26
CA ILE A 289 -8.18 -10.39 28.84
C ILE A 289 -8.06 -10.37 27.32
N THR A 290 -9.09 -9.87 26.64
CA THR A 290 -9.08 -9.84 25.19
C THR A 290 -8.26 -8.68 24.62
N MET A 291 -6.98 -8.67 24.94
CA MET A 291 -6.07 -7.63 24.45
C MET A 291 -4.80 -8.30 23.96
N LEU A 292 -4.05 -7.61 23.11
CA LEU A 292 -2.84 -8.19 22.55
C LEU A 292 -1.89 -7.11 22.08
N PRO A 293 -0.60 -7.24 22.43
CA PRO A 293 0.40 -6.27 22.01
C PRO A 293 0.78 -6.46 20.54
N VAL A 294 0.64 -5.41 19.76
CA VAL A 294 0.99 -5.48 18.35
C VAL A 294 1.69 -4.18 18.02
N ASP A 295 2.94 -4.27 17.57
CA ASP A 295 3.68 -3.07 17.23
C ASP A 295 3.72 -2.80 15.74
N ILE A 296 2.78 -1.99 15.27
CA ILE A 296 2.77 -1.62 13.86
C ILE A 296 3.69 -0.40 13.83
N ASP A 297 3.37 0.58 14.68
CA ASP A 297 4.18 1.78 14.86
C ASP A 297 3.95 2.26 16.29
N SER A 298 4.50 3.42 16.64
CA SER A 298 4.38 3.93 18.00
C SER A 298 2.99 4.25 18.54
N ASN A 299 2.02 4.58 17.68
CA ASN A 299 0.70 4.92 18.21
C ASN A 299 -0.49 4.31 17.48
N THR A 300 -0.33 3.12 16.93
CA THR A 300 -1.44 2.48 16.24
C THR A 300 -2.12 1.43 17.11
N PHE A 301 -3.45 1.49 17.14
CA PHE A 301 -4.24 0.56 17.91
C PHE A 301 -5.24 -0.13 16.98
N ILE A 302 -5.63 -1.35 17.32
CA ILE A 302 -6.60 -2.07 16.51
C ILE A 302 -7.84 -2.43 17.32
N LEU A 303 -8.98 -1.84 16.97
CA LEU A 303 -10.24 -2.16 17.64
C LEU A 303 -10.83 -3.31 16.86
N GLY A 304 -10.77 -4.51 17.42
CA GLY A 304 -11.33 -5.66 16.75
C GLY A 304 -12.75 -5.99 17.16
N ASP A 305 -13.08 -7.28 17.16
CA ASP A 305 -14.43 -7.72 17.49
C ASP A 305 -14.96 -7.36 18.87
N PRO A 306 -14.11 -7.36 19.91
CA PRO A 306 -14.62 -7.01 21.23
C PRO A 306 -15.31 -5.66 21.19
N PHE A 307 -14.71 -4.74 20.46
CA PHE A 307 -15.28 -3.41 20.34
C PHE A 307 -16.51 -3.40 19.44
N MET A 308 -16.45 -4.16 18.35
CA MET A 308 -17.56 -4.22 17.41
C MET A 308 -18.78 -5.01 17.92
N ARG A 309 -18.62 -5.77 18.99
CA ARG A 309 -19.77 -6.51 19.52
C ARG A 309 -20.62 -5.50 20.28
N LYS A 310 -20.04 -4.34 20.57
CA LYS A 310 -20.80 -3.33 21.29
C LYS A 310 -21.35 -2.29 20.35
N TYR A 311 -20.50 -1.79 19.44
CA TYR A 311 -20.94 -0.76 18.50
C TYR A 311 -21.17 -1.22 17.09
N PHE A 312 -22.37 -0.96 16.58
CA PHE A 312 -22.69 -1.28 15.21
C PHE A 312 -21.75 -0.35 14.43
N THR A 313 -21.22 -0.83 13.31
CA THR A 313 -20.28 -0.01 12.52
C THR A 313 -20.65 0.20 11.06
N VAL A 314 -20.39 1.41 10.59
CA VAL A 314 -20.67 1.81 9.21
C VAL A 314 -19.37 2.23 8.53
N PHE A 315 -19.12 1.67 7.37
CA PHE A 315 -17.91 1.95 6.59
C PHE A 315 -18.34 2.60 5.29
N ASP A 316 -18.19 3.93 5.25
CA ASP A 316 -18.60 4.70 4.09
C ASP A 316 -17.43 5.16 3.23
N TYR A 317 -17.30 4.61 2.04
CA TYR A 317 -16.20 5.03 1.17
C TYR A 317 -16.40 6.48 0.70
N ASP A 318 -17.62 6.81 0.26
CA ASP A 318 -17.92 8.15 -0.20
C ASP A 318 -17.63 9.20 0.87
N LYS A 319 -18.13 8.97 2.08
CA LYS A 319 -17.88 9.90 3.17
C LYS A 319 -16.46 9.73 3.74
N GLU A 320 -15.76 8.68 3.31
CA GLU A 320 -14.40 8.39 3.79
C GLU A 320 -14.42 8.49 5.30
N SER A 321 -15.38 7.80 5.90
CA SER A 321 -15.55 7.82 7.34
C SER A 321 -16.00 6.47 7.87
N VAL A 322 -15.84 6.30 9.18
CA VAL A 322 -16.31 5.09 9.85
C VAL A 322 -17.39 5.65 10.79
N GLY A 323 -18.53 4.97 10.86
CA GLY A 323 -19.61 5.44 11.72
C GLY A 323 -19.90 4.49 12.87
N PHE A 324 -20.29 5.05 14.02
CA PHE A 324 -20.57 4.22 15.19
C PHE A 324 -21.92 4.46 15.86
N ALA A 325 -22.48 3.40 16.44
CA ALA A 325 -23.74 3.46 17.17
C ALA A 325 -23.86 2.19 18.00
N ILE A 326 -24.62 2.25 19.09
CA ILE A 326 -24.81 1.09 19.96
C ILE A 326 -25.61 0.03 19.23
N ALA A 327 -25.10 -1.19 19.22
CA ALA A 327 -25.77 -2.30 18.56
C ALA A 327 -26.94 -2.81 19.42
N LYS A 328 -28.04 -3.20 18.78
CA LYS A 328 -29.22 -3.71 19.49
C LYS A 328 -29.09 -5.15 19.98
N ASN A 329 -29.68 -5.42 21.15
CA ASN A 329 -29.67 -6.72 21.80
C ASN A 329 -28.42 -6.93 22.65
N GLY B 2 31.58 6.12 -2.04
CA GLY B 2 31.57 5.42 -0.77
C GLY B 2 32.86 4.66 -0.47
N SER B 3 32.71 3.41 -0.05
CA SER B 3 33.81 2.50 0.27
C SER B 3 33.23 1.11 0.02
N GLU B 4 32.14 0.83 0.71
CA GLU B 4 31.41 -0.40 0.52
C GLU B 4 30.12 0.11 -0.13
N ASN B 5 29.97 1.43 -0.12
CA ASN B 5 28.83 2.12 -0.73
C ASN B 5 29.00 1.99 -2.24
N ASP B 6 27.96 1.55 -2.91
CA ASP B 6 28.01 1.35 -4.35
C ASP B 6 27.49 2.62 -5.04
N VAL B 7 28.37 3.26 -5.80
CA VAL B 7 28.02 4.49 -6.50
C VAL B 7 27.70 4.22 -7.96
N ILE B 8 26.61 4.82 -8.44
CA ILE B 8 26.20 4.67 -9.82
C ILE B 8 25.87 6.03 -10.38
N GLU B 9 26.59 6.40 -11.43
CA GLU B 9 26.40 7.69 -12.06
C GLU B 9 25.07 7.82 -12.79
N LEU B 10 24.46 8.99 -12.66
CA LEU B 10 23.19 9.28 -13.30
C LEU B 10 23.48 10.40 -14.30
N ASP B 11 23.26 10.14 -15.58
CA ASP B 11 23.51 11.14 -16.60
C ASP B 11 22.24 11.64 -17.26
N ASP B 12 22.18 12.95 -17.45
CA ASP B 12 21.02 13.59 -18.08
C ASP B 12 21.22 13.65 -19.60
N VAL B 13 20.13 13.54 -20.33
CA VAL B 13 20.19 13.56 -21.80
C VAL B 13 19.55 14.81 -22.42
N ALA B 14 18.32 15.12 -22.03
CA ALA B 14 17.64 16.28 -22.58
C ALA B 14 16.89 16.99 -21.45
N ASN B 15 17.36 16.76 -20.23
CA ASN B 15 16.74 17.34 -19.04
C ASN B 15 15.32 16.80 -18.96
N ILE B 16 15.01 15.91 -19.91
CA ILE B 16 13.71 15.25 -19.99
C ILE B 16 13.73 14.15 -18.95
N MET B 17 14.83 13.41 -18.91
CA MET B 17 15.02 12.35 -17.95
C MET B 17 16.52 12.07 -17.87
N PHE B 18 16.90 11.20 -16.95
CA PHE B 18 18.30 10.83 -16.75
C PHE B 18 18.33 9.34 -16.56
N TYR B 19 19.47 8.72 -16.82
CA TYR B 19 19.61 7.28 -16.69
C TYR B 19 20.94 6.93 -16.03
N GLY B 20 21.09 5.66 -15.68
CA GLY B 20 22.31 5.18 -15.06
C GLY B 20 22.61 3.88 -15.76
N GLU B 21 23.73 3.25 -15.44
CA GLU B 21 24.07 1.99 -16.09
C GLU B 21 23.89 0.79 -15.18
N GLY B 22 23.42 -0.31 -15.78
CA GLY B 22 23.22 -1.55 -15.06
C GLY B 22 23.60 -2.67 -16.01
N GLU B 23 23.90 -3.85 -15.46
CA GLU B 23 24.29 -4.97 -16.30
C GLU B 23 23.54 -6.25 -15.93
N VAL B 24 23.33 -7.11 -16.93
CA VAL B 24 22.64 -8.37 -16.69
C VAL B 24 23.45 -9.49 -17.34
N GLY B 25 23.71 -10.55 -16.57
CA GLY B 25 24.46 -11.68 -17.09
C GLY B 25 25.89 -11.78 -16.58
N ASP B 26 26.50 -12.95 -16.80
CA ASP B 26 27.88 -13.16 -16.37
C ASP B 26 28.80 -12.47 -17.37
N ASN B 27 28.25 -12.14 -18.54
CA ASN B 27 29.01 -11.46 -19.56
C ASN B 27 28.79 -9.95 -19.48
N HIS B 28 28.17 -9.52 -18.38
CA HIS B 28 27.87 -8.12 -18.10
C HIS B 28 27.38 -7.28 -19.29
N GLN B 29 26.19 -7.58 -19.78
CA GLN B 29 25.61 -6.85 -20.89
C GLN B 29 25.17 -5.47 -20.41
N LYS B 30 25.62 -4.43 -21.11
CA LYS B 30 25.32 -3.04 -20.75
C LYS B 30 23.87 -2.65 -21.00
N PHE B 31 23.31 -1.84 -20.11
CA PHE B 31 21.95 -1.35 -20.21
C PHE B 31 21.79 0.02 -19.57
N MET B 32 21.16 0.94 -20.31
CA MET B 32 20.90 2.27 -19.77
C MET B 32 19.54 2.14 -19.09
N LEU B 33 19.56 2.20 -17.76
CA LEU B 33 18.36 2.03 -16.96
C LEU B 33 17.84 3.26 -16.26
N ILE B 34 16.53 3.31 -16.08
CA ILE B 34 15.92 4.39 -15.34
C ILE B 34 15.78 3.81 -13.93
N PHE B 35 16.38 4.46 -12.94
CA PHE B 35 16.25 3.97 -11.56
C PHE B 35 15.02 4.63 -11.01
N ASP B 36 13.97 3.83 -10.91
CA ASP B 36 12.64 4.28 -10.51
C ASP B 36 12.15 3.95 -9.08
N THR B 37 12.01 4.98 -8.24
CA THR B 37 11.53 4.73 -6.88
C THR B 37 10.01 4.58 -6.93
N GLY B 38 9.44 4.80 -8.12
CA GLY B 38 8.01 4.70 -8.30
C GLY B 38 7.52 3.32 -8.76
N SER B 39 8.42 2.35 -8.86
CA SER B 39 8.04 1.00 -9.26
C SER B 39 8.93 0.01 -8.51
N ALA B 40 8.66 -1.29 -8.65
CA ALA B 40 9.44 -2.27 -7.91
C ALA B 40 9.87 -3.49 -8.72
N ASN B 41 9.97 -3.33 -10.02
CA ASN B 41 10.40 -4.43 -10.86
C ASN B 41 11.55 -4.01 -11.75
N LEU B 42 12.35 -5.00 -12.12
CA LEU B 42 13.46 -4.78 -13.03
C LEU B 42 13.11 -5.45 -14.35
N TRP B 43 13.37 -4.75 -15.44
CA TRP B 43 13.15 -5.31 -16.77
C TRP B 43 14.10 -4.65 -17.76
N VAL B 44 14.42 -5.41 -18.81
CA VAL B 44 15.30 -4.97 -19.88
C VAL B 44 14.67 -5.52 -21.16
N PRO B 45 14.96 -4.88 -22.30
CA PRO B 45 14.40 -5.35 -23.57
C PRO B 45 15.04 -6.67 -23.92
N SER B 46 14.21 -7.66 -24.23
CA SER B 46 14.75 -8.96 -24.57
C SER B 46 15.20 -8.98 -26.03
N LYS B 47 16.10 -9.89 -26.36
CA LYS B 47 16.59 -10.01 -27.73
C LYS B 47 15.46 -10.62 -28.54
N LYS B 48 14.44 -11.10 -27.82
CA LYS B 48 13.26 -11.72 -28.43
C LYS B 48 12.18 -10.67 -28.64
N CYS B 49 12.53 -9.41 -28.41
CA CYS B 49 11.58 -8.30 -28.58
C CYS B 49 11.47 -7.90 -30.04
N ASN B 50 10.25 -7.91 -30.58
CA ASN B 50 10.05 -7.54 -31.97
C ASN B 50 9.43 -6.17 -32.18
N SER B 51 9.36 -5.37 -31.12
CA SER B 51 8.78 -4.03 -31.25
C SER B 51 9.77 -3.10 -31.94
N SER B 52 9.25 -2.20 -32.76
CA SER B 52 10.10 -1.25 -33.48
C SER B 52 11.07 -0.57 -32.52
N GLY B 53 10.55 -0.13 -31.37
CA GLY B 53 11.36 0.52 -30.38
C GLY B 53 12.60 -0.27 -29.97
N CYS B 54 12.47 -1.59 -29.90
CA CYS B 54 13.57 -2.45 -29.51
C CYS B 54 14.74 -2.51 -30.49
N SER B 55 14.54 -2.02 -31.71
CA SER B 55 15.61 -2.07 -32.71
C SER B 55 16.72 -1.08 -32.40
N ILE B 56 16.43 -0.06 -31.61
CA ILE B 56 17.44 0.93 -31.25
C ILE B 56 17.76 0.88 -29.76
N LYS B 57 17.63 -0.30 -29.16
CA LYS B 57 17.91 -0.46 -27.73
C LYS B 57 18.87 -1.61 -27.47
N ASN B 58 19.68 -1.48 -26.42
CA ASN B 58 20.59 -2.55 -26.07
C ASN B 58 19.70 -3.68 -25.58
N LEU B 59 19.79 -4.83 -26.24
CA LEU B 59 18.96 -5.97 -25.88
C LEU B 59 19.68 -7.01 -25.04
N TYR B 60 18.89 -7.80 -24.30
CA TYR B 60 19.44 -8.85 -23.47
C TYR B 60 19.20 -10.20 -24.11
N ASP B 61 20.29 -10.95 -24.26
CA ASP B 61 20.24 -12.30 -24.82
C ASP B 61 20.69 -13.22 -23.70
N SER B 62 19.80 -14.09 -23.25
CA SER B 62 20.11 -15.00 -22.18
C SER B 62 21.08 -16.11 -22.58
N SER B 63 21.08 -16.47 -23.85
CA SER B 63 21.95 -17.53 -24.35
C SER B 63 23.44 -17.25 -24.11
N LYS B 64 23.81 -15.98 -24.09
CA LYS B 64 25.20 -15.62 -23.88
C LYS B 64 25.62 -15.53 -22.40
N SER B 65 24.72 -15.90 -21.49
CA SER B 65 25.05 -15.84 -20.07
C SER B 65 24.89 -17.22 -19.42
N LYS B 66 25.96 -17.68 -18.77
CA LYS B 66 25.98 -18.98 -18.10
C LYS B 66 25.12 -18.99 -16.84
N SER B 67 25.07 -17.84 -16.15
CA SER B 67 24.32 -17.69 -14.91
C SER B 67 22.80 -17.56 -15.08
N TYR B 68 22.34 -17.46 -16.32
CA TYR B 68 20.92 -17.35 -16.63
C TYR B 68 20.09 -18.56 -16.18
N GLU B 69 18.92 -18.29 -15.60
CA GLU B 69 18.01 -19.35 -15.15
C GLU B 69 16.64 -19.06 -15.78
N LYS B 70 16.16 -19.98 -16.60
CA LYS B 70 14.87 -19.83 -17.27
C LYS B 70 13.68 -19.88 -16.32
N ASP B 71 12.66 -19.09 -16.65
CA ASP B 71 11.42 -19.03 -15.86
C ASP B 71 10.29 -19.09 -16.87
N GLY B 72 10.19 -18.05 -17.71
CA GLY B 72 9.16 -18.03 -18.74
C GLY B 72 7.79 -17.48 -18.41
N THR B 73 7.46 -17.36 -17.13
CA THR B 73 6.15 -16.84 -16.72
C THR B 73 5.90 -15.47 -17.38
N LYS B 74 4.74 -15.32 -17.99
CA LYS B 74 4.39 -14.08 -18.67
C LYS B 74 3.91 -13.02 -17.68
N VAL B 75 4.24 -11.75 -17.96
CA VAL B 75 3.86 -10.67 -17.07
C VAL B 75 3.88 -9.28 -17.73
N ASP B 76 3.03 -8.39 -17.24
CA ASP B 76 2.95 -7.02 -17.74
C ASP B 76 3.13 -6.03 -16.58
N ILE B 77 3.76 -4.90 -16.86
CA ILE B 77 3.94 -3.86 -15.85
C ILE B 77 3.35 -2.60 -16.45
N THR B 78 2.44 -1.95 -15.74
CA THR B 78 1.84 -0.74 -16.25
C THR B 78 2.32 0.50 -15.50
N TYR B 79 2.65 1.54 -16.25
CA TYR B 79 3.10 2.80 -15.68
C TYR B 79 2.17 3.89 -16.23
N GLY B 80 2.29 5.10 -15.69
CA GLY B 80 1.47 6.18 -16.17
C GLY B 80 1.82 6.47 -17.63
N SER B 81 3.07 6.19 -18.01
CA SER B 81 3.52 6.46 -19.37
C SER B 81 3.32 5.28 -20.32
N GLY B 82 2.78 4.18 -19.83
CA GLY B 82 2.57 3.03 -20.70
C GLY B 82 2.75 1.65 -20.08
N THR B 83 2.59 0.62 -20.89
CA THR B 83 2.72 -0.77 -20.44
C THR B 83 3.78 -1.56 -21.20
N VAL B 84 4.50 -2.43 -20.49
CA VAL B 84 5.49 -3.30 -21.13
C VAL B 84 5.07 -4.74 -20.87
N LYS B 85 5.32 -5.62 -21.83
CA LYS B 85 4.96 -7.03 -21.66
C LYS B 85 6.14 -7.94 -21.96
N GLY B 86 6.24 -9.03 -21.20
CA GLY B 86 7.32 -9.98 -21.40
C GLY B 86 7.13 -11.23 -20.56
N PHE B 87 8.24 -11.77 -20.06
CA PHE B 87 8.21 -12.97 -19.20
C PHE B 87 9.36 -12.87 -18.20
N PHE B 88 9.29 -13.68 -17.14
CA PHE B 88 10.34 -13.66 -16.11
C PHE B 88 11.58 -14.49 -16.47
N SER B 89 12.66 -14.19 -15.76
CA SER B 89 13.94 -14.85 -15.91
C SER B 89 14.76 -14.42 -14.69
N LYS B 90 15.82 -15.15 -14.40
CA LYS B 90 16.67 -14.79 -13.28
C LYS B 90 18.09 -14.80 -13.81
N ASP B 91 18.91 -13.88 -13.34
CA ASP B 91 20.28 -13.84 -13.81
C ASP B 91 21.12 -12.92 -12.94
N LEU B 92 22.39 -12.79 -13.29
CA LEU B 92 23.28 -11.94 -12.52
C LEU B 92 23.07 -10.48 -12.88
N VAL B 93 22.62 -9.70 -11.89
CA VAL B 93 22.41 -8.28 -12.07
C VAL B 93 23.59 -7.57 -11.41
N THR B 94 24.21 -6.66 -12.14
CA THR B 94 25.34 -5.94 -11.62
C THR B 94 25.12 -4.43 -11.62
N LEU B 95 25.19 -3.85 -10.42
CA LEU B 95 25.03 -2.42 -10.25
C LEU B 95 26.35 -1.94 -9.70
N GLY B 96 27.06 -1.09 -10.44
CA GLY B 96 28.35 -0.60 -9.99
C GLY B 96 29.31 -1.77 -9.76
N HIS B 97 29.84 -1.87 -8.54
CA HIS B 97 30.76 -2.94 -8.21
C HIS B 97 30.07 -4.04 -7.41
N LEU B 98 28.75 -4.09 -7.51
CA LEU B 98 27.96 -5.10 -6.80
C LEU B 98 27.18 -5.96 -7.79
N SER B 99 27.21 -7.27 -7.58
CA SER B 99 26.51 -8.20 -8.45
C SER B 99 25.71 -9.18 -7.61
N MET B 100 24.70 -9.79 -8.21
CA MET B 100 23.89 -10.76 -7.50
C MET B 100 22.77 -11.32 -8.38
N PRO B 101 22.46 -12.62 -8.22
CA PRO B 101 21.39 -13.23 -9.01
C PRO B 101 20.11 -12.53 -8.56
N TYR B 102 19.24 -12.20 -9.51
CA TYR B 102 18.01 -11.51 -9.16
C TYR B 102 16.93 -11.80 -10.19
N LYS B 103 15.68 -11.94 -9.73
CA LYS B 103 14.58 -12.21 -10.63
C LYS B 103 14.20 -10.92 -11.36
N PHE B 104 14.19 -10.95 -12.69
CA PHE B 104 13.84 -9.78 -13.49
C PHE B 104 12.92 -10.17 -14.63
N ILE B 105 12.54 -9.20 -15.46
CA ILE B 105 11.65 -9.45 -16.57
C ILE B 105 12.28 -9.11 -17.92
N GLU B 106 12.09 -9.99 -18.90
CA GLU B 106 12.59 -9.75 -20.24
C GLU B 106 11.40 -9.21 -21.04
N VAL B 107 11.46 -7.95 -21.43
CA VAL B 107 10.36 -7.36 -22.17
C VAL B 107 10.43 -7.69 -23.66
N ILE B 108 9.34 -8.21 -24.20
CA ILE B 108 9.29 -8.56 -25.61
C ILE B 108 8.34 -7.69 -26.41
N ASP B 109 7.51 -6.91 -25.72
CA ASP B 109 6.58 -6.00 -26.40
C ASP B 109 6.50 -4.65 -25.71
N THR B 110 7.05 -3.63 -26.37
CA THR B 110 7.08 -2.29 -25.84
C THR B 110 6.12 -1.33 -26.54
N ASP B 111 5.23 -1.87 -27.37
CA ASP B 111 4.29 -1.03 -28.10
C ASP B 111 3.54 -0.04 -27.22
N ASP B 112 3.06 -0.50 -26.08
CA ASP B 112 2.30 0.37 -25.20
C ASP B 112 3.13 1.37 -24.41
N LEU B 113 4.46 1.28 -24.56
CA LEU B 113 5.32 2.22 -23.85
C LEU B 113 5.69 3.36 -24.79
N GLU B 114 5.24 3.28 -26.04
CA GLU B 114 5.48 4.34 -27.02
C GLU B 114 4.35 5.35 -26.85
N PRO B 115 4.54 6.60 -27.31
CA PRO B 115 5.71 7.18 -27.97
C PRO B 115 6.95 7.36 -27.09
N ILE B 116 6.75 7.42 -25.78
CA ILE B 116 7.85 7.61 -24.84
C ILE B 116 9.12 6.79 -25.12
N TYR B 117 8.98 5.46 -25.12
CA TYR B 117 10.11 4.56 -25.31
C TYR B 117 11.11 4.93 -26.40
N SER B 118 10.60 5.17 -27.61
CA SER B 118 11.46 5.50 -28.74
C SER B 118 12.05 6.91 -28.75
N SER B 119 11.36 7.86 -28.12
CA SER B 119 11.86 9.23 -28.09
C SER B 119 12.87 9.48 -26.96
N VAL B 120 12.73 8.75 -25.85
CA VAL B 120 13.66 8.92 -24.72
C VAL B 120 14.81 7.91 -24.80
N GLU B 121 15.83 8.14 -23.98
CA GLU B 121 17.02 7.29 -24.02
C GLU B 121 17.28 6.38 -22.83
N PHE B 122 16.67 5.19 -22.85
CA PHE B 122 16.87 4.18 -21.82
C PHE B 122 16.45 2.84 -22.40
N ASP B 123 17.05 1.76 -21.92
CA ASP B 123 16.72 0.43 -22.41
C ASP B 123 15.65 -0.20 -21.53
N GLY B 124 15.86 -0.17 -20.23
CA GLY B 124 14.91 -0.74 -19.30
C GLY B 124 14.74 0.04 -18.01
N ILE B 125 14.01 -0.54 -17.05
CA ILE B 125 13.77 0.13 -15.79
C ILE B 125 14.06 -0.73 -14.57
N LEU B 126 14.67 -0.14 -13.56
CA LEU B 126 14.95 -0.86 -12.32
C LEU B 126 14.20 -0.17 -11.20
N GLY B 127 13.23 -0.87 -10.63
CA GLY B 127 12.43 -0.32 -9.55
C GLY B 127 13.18 -0.29 -8.23
N LEU B 128 12.81 0.64 -7.38
CA LEU B 128 13.43 0.79 -6.07
C LEU B 128 12.37 1.05 -5.01
N GLY B 129 11.15 0.62 -5.28
CA GLY B 129 10.07 0.79 -4.34
C GLY B 129 10.02 -0.41 -3.41
N TRP B 130 8.85 -0.69 -2.84
CA TRP B 130 8.72 -1.81 -1.92
C TRP B 130 8.12 -3.07 -2.57
N LYS B 131 8.32 -4.20 -1.90
CA LYS B 131 7.82 -5.50 -2.36
C LYS B 131 6.33 -5.54 -2.67
N ASP B 132 5.52 -4.85 -1.88
CA ASP B 132 4.08 -4.83 -2.12
C ASP B 132 3.72 -4.09 -3.41
N LEU B 133 4.69 -3.38 -3.97
CA LEU B 133 4.47 -2.64 -5.21
C LEU B 133 4.96 -3.47 -6.39
N SER B 134 5.74 -4.50 -6.10
CA SER B 134 6.28 -5.33 -7.16
C SER B 134 5.22 -6.30 -7.68
N ILE B 135 5.38 -6.68 -8.94
CA ILE B 135 4.50 -7.63 -9.59
C ILE B 135 5.22 -8.97 -9.60
N GLY B 136 4.78 -9.86 -8.71
CA GLY B 136 5.37 -11.18 -8.61
C GLY B 136 6.11 -11.41 -7.29
N SER B 137 5.80 -10.60 -6.29
CA SER B 137 6.45 -10.71 -4.97
C SER B 137 7.96 -10.86 -5.11
N ILE B 138 8.62 -9.76 -5.43
CA ILE B 138 10.06 -9.74 -5.59
C ILE B 138 10.63 -8.76 -4.57
N ASP B 139 11.57 -9.23 -3.75
CA ASP B 139 12.16 -8.38 -2.74
C ASP B 139 13.07 -7.33 -3.36
N PRO B 140 13.02 -6.10 -2.81
CA PRO B 140 13.86 -5.01 -3.31
C PRO B 140 15.31 -5.47 -3.35
N ILE B 141 15.99 -5.20 -4.46
CA ILE B 141 17.37 -5.61 -4.61
C ILE B 141 18.30 -5.00 -3.54
N VAL B 142 18.02 -3.77 -3.13
CA VAL B 142 18.83 -3.10 -2.11
C VAL B 142 18.72 -3.82 -0.77
N VAL B 143 17.53 -4.36 -0.48
CA VAL B 143 17.33 -5.09 0.77
C VAL B 143 18.10 -6.41 0.69
N GLU B 144 18.10 -7.02 -0.49
CA GLU B 144 18.82 -8.28 -0.70
C GLU B 144 20.30 -8.05 -0.46
N LEU B 145 20.82 -6.97 -1.04
CA LEU B 145 22.23 -6.62 -0.90
C LEU B 145 22.62 -6.50 0.57
N LYS B 146 21.77 -5.84 1.35
CA LYS B 146 22.03 -5.64 2.76
C LYS B 146 22.02 -6.97 3.50
N ASN B 147 21.04 -7.81 3.20
CA ASN B 147 20.97 -9.12 3.86
C ASN B 147 22.16 -10.00 3.46
N GLN B 148 22.69 -9.77 2.26
CA GLN B 148 23.85 -10.52 1.78
C GLN B 148 25.08 -9.83 2.31
N ASN B 149 24.84 -8.85 3.18
CA ASN B 149 25.91 -8.07 3.78
C ASN B 149 26.88 -7.51 2.75
N LYS B 150 26.36 -7.15 1.58
CA LYS B 150 27.18 -6.59 0.52
C LYS B 150 27.23 -5.07 0.62
N ILE B 151 26.45 -4.54 1.57
CA ILE B 151 26.41 -3.11 1.80
C ILE B 151 26.16 -2.88 3.28
N ASP B 152 26.45 -1.66 3.74
CA ASP B 152 26.30 -1.29 5.14
C ASP B 152 24.86 -1.14 5.60
N ASN B 153 24.04 -0.47 4.81
CA ASN B 153 22.66 -0.24 5.18
C ASN B 153 21.67 -0.53 4.07
N ALA B 154 20.46 -0.91 4.46
CA ALA B 154 19.40 -1.19 3.51
C ALA B 154 18.81 0.16 3.13
N LEU B 155 19.60 0.96 2.42
CA LEU B 155 19.15 2.28 2.00
C LEU B 155 19.93 2.70 0.76
N PHE B 156 19.37 3.65 0.03
CA PHE B 156 20.03 4.20 -1.14
C PHE B 156 19.67 5.67 -1.19
N THR B 157 20.49 6.47 -1.87
CA THR B 157 20.21 7.90 -1.98
C THR B 157 20.30 8.37 -3.41
N PHE B 158 19.61 9.47 -3.69
CA PHE B 158 19.58 10.08 -5.01
C PHE B 158 20.09 11.50 -5.03
N TYR B 159 21.09 11.74 -5.87
CA TYR B 159 21.64 13.07 -6.07
C TYR B 159 21.41 13.33 -7.55
N LEU B 160 20.33 14.03 -7.88
CA LEU B 160 20.01 14.29 -9.27
C LEU B 160 20.95 15.20 -10.03
N PRO B 161 21.12 14.94 -11.32
CA PRO B 161 21.99 15.76 -12.15
C PRO B 161 21.19 17.02 -12.44
N VAL B 162 21.87 18.10 -12.79
CA VAL B 162 21.18 19.32 -13.17
C VAL B 162 21.75 19.59 -14.56
N HIS B 163 20.89 19.52 -15.57
CA HIS B 163 21.29 19.66 -16.97
C HIS B 163 22.48 20.58 -17.26
N ASP B 164 23.43 20.04 -18.01
CA ASP B 164 24.68 20.70 -18.39
C ASP B 164 25.29 21.57 -17.27
N VAL B 165 25.06 21.14 -16.03
CA VAL B 165 25.61 21.81 -14.85
C VAL B 165 26.51 20.80 -14.15
N HIS B 166 25.93 19.64 -13.82
CA HIS B 166 26.68 18.57 -13.17
C HIS B 166 25.96 17.24 -13.29
N ALA B 167 26.71 16.14 -13.32
CA ALA B 167 26.11 14.82 -13.40
C ALA B 167 25.47 14.54 -12.05
N GLY B 168 24.75 13.42 -11.96
CA GLY B 168 24.10 13.05 -10.72
C GLY B 168 24.57 11.67 -10.30
N TYR B 169 24.16 11.23 -9.10
CA TYR B 169 24.54 9.92 -8.63
C TYR B 169 23.52 9.22 -7.74
N LEU B 170 23.48 7.90 -7.86
CA LEU B 170 22.63 7.05 -7.07
C LEU B 170 23.59 6.31 -6.16
N THR B 171 23.46 6.50 -4.86
CA THR B 171 24.35 5.81 -3.94
C THR B 171 23.61 4.74 -3.15
N ILE B 172 24.17 3.55 -3.12
CA ILE B 172 23.58 2.43 -2.42
C ILE B 172 24.46 2.00 -1.24
N GLY B 173 23.83 1.77 -0.09
CA GLY B 173 24.57 1.34 1.08
C GLY B 173 24.82 2.42 2.12
N GLY B 174 25.01 3.65 1.68
CA GLY B 174 25.28 4.71 2.65
C GLY B 174 25.07 6.13 2.19
N ILE B 175 25.00 7.02 3.18
CA ILE B 175 24.80 8.44 2.95
C ILE B 175 26.14 9.14 2.81
N GLU B 176 26.34 9.82 1.67
CA GLU B 176 27.57 10.56 1.40
C GLU B 176 27.29 12.03 1.66
N GLU B 177 27.94 12.59 2.68
CA GLU B 177 27.78 13.99 3.05
C GLU B 177 28.05 15.00 1.93
N LYS B 178 28.94 14.65 1.01
CA LYS B 178 29.30 15.57 -0.08
C LYS B 178 28.16 16.00 -0.98
N PHE B 179 27.04 15.29 -0.93
CA PHE B 179 25.88 15.59 -1.76
C PHE B 179 24.90 16.63 -1.24
N TYR B 180 25.05 17.09 0.00
CA TYR B 180 24.08 18.03 0.51
C TYR B 180 24.54 19.00 1.60
N GLU B 181 23.72 20.02 1.82
CA GLU B 181 23.98 21.04 2.82
C GLU B 181 23.09 20.76 4.04
N GLY B 182 23.52 21.22 5.19
CA GLY B 182 22.75 20.99 6.40
C GLY B 182 22.66 19.51 6.66
N ASN B 183 21.54 19.07 7.26
CA ASN B 183 21.37 17.66 7.57
C ASN B 183 20.03 17.07 7.18
N ILE B 184 20.01 15.75 7.12
CA ILE B 184 18.85 15.00 6.73
C ILE B 184 17.75 14.91 7.79
N THR B 185 16.53 15.22 7.38
CA THR B 185 15.37 15.12 8.27
C THR B 185 14.49 14.07 7.59
N TYR B 186 13.99 13.12 8.36
CA TYR B 186 13.18 12.05 7.82
C TYR B 186 11.69 12.17 8.02
N GLU B 187 10.96 11.52 7.12
CA GLU B 187 9.51 11.49 7.14
C GLU B 187 9.14 10.00 7.04
N LYS B 188 8.35 9.55 8.00
CA LYS B 188 7.92 8.16 8.09
C LYS B 188 6.91 7.87 6.98
N LEU B 189 7.07 6.75 6.28
CA LEU B 189 6.13 6.39 5.22
C LEU B 189 4.77 6.05 5.82
N ASN B 190 3.69 6.54 5.21
CA ASN B 190 2.36 6.23 5.71
C ASN B 190 1.95 4.82 5.30
N HIS B 191 2.80 4.18 4.50
CA HIS B 191 2.56 2.81 4.03
C HIS B 191 3.70 2.38 3.12
N ASP B 192 4.19 1.15 3.33
CA ASP B 192 5.31 0.65 2.53
C ASP B 192 4.91 0.02 1.20
N LEU B 193 4.60 0.88 0.23
CA LEU B 193 4.22 0.47 -1.11
C LEU B 193 5.15 1.34 -1.97
N TYR B 194 4.80 2.62 -2.10
CA TYR B 194 5.65 3.58 -2.78
C TYR B 194 6.38 4.25 -1.63
N TRP B 195 7.30 5.18 -1.92
CA TRP B 195 7.95 5.91 -0.84
C TRP B 195 7.00 7.09 -0.66
N GLN B 196 5.89 6.80 0.00
CA GLN B 196 4.82 7.76 0.23
C GLN B 196 4.73 8.24 1.67
N ILE B 197 4.58 9.55 1.82
CA ILE B 197 4.51 10.16 3.12
C ILE B 197 3.39 11.17 3.21
N ASP B 198 3.00 11.55 4.42
CA ASP B 198 1.95 12.54 4.57
C ASP B 198 2.54 13.94 4.55
N LEU B 199 1.91 14.85 3.82
CA LEU B 199 2.38 16.22 3.76
C LEU B 199 1.26 17.20 3.47
N ASP B 200 1.28 18.34 4.15
CA ASP B 200 0.28 19.37 3.89
C ASP B 200 0.84 20.08 2.68
N VAL B 201 0.09 20.06 1.59
CA VAL B 201 0.56 20.68 0.36
C VAL B 201 0.05 22.10 0.25
N HIS B 202 0.97 23.00 -0.11
CA HIS B 202 0.63 24.41 -0.27
C HIS B 202 1.06 24.96 -1.63
N PHE B 203 0.08 25.11 -2.52
CA PHE B 203 0.29 25.66 -3.87
C PHE B 203 -0.31 27.06 -3.87
N GLY B 204 0.51 28.05 -3.53
CA GLY B 204 0.01 29.41 -3.48
C GLY B 204 -0.94 29.49 -2.31
N LYS B 205 -2.18 29.90 -2.54
CA LYS B 205 -3.11 29.99 -1.44
C LYS B 205 -3.95 28.73 -1.32
N GLN B 206 -3.73 27.78 -2.23
CA GLN B 206 -4.45 26.52 -2.21
C GLN B 206 -3.80 25.55 -1.26
N THR B 207 -4.62 24.75 -0.59
CA THR B 207 -4.10 23.82 0.39
C THR B 207 -4.82 22.48 0.46
N MET B 208 -4.04 21.41 0.57
CA MET B 208 -4.56 20.06 0.75
C MET B 208 -3.68 19.46 1.82
N GLU B 209 -4.17 19.48 3.05
CA GLU B 209 -3.38 18.95 4.14
C GLU B 209 -3.60 17.48 4.37
N LYS B 210 -2.61 16.85 4.99
CA LYS B 210 -2.65 15.43 5.27
C LYS B 210 -2.69 14.73 3.91
N ALA B 211 -2.06 15.34 2.91
CA ALA B 211 -2.01 14.78 1.56
C ALA B 211 -0.98 13.65 1.40
N ASN B 212 -1.34 12.66 0.58
CA ASN B 212 -0.47 11.51 0.31
C ASN B 212 0.51 11.92 -0.80
N VAL B 213 1.79 11.93 -0.48
CA VAL B 213 2.79 12.34 -1.45
C VAL B 213 3.80 11.24 -1.74
N ILE B 214 3.90 10.90 -3.03
CA ILE B 214 4.82 9.86 -3.50
C ILE B 214 6.10 10.51 -4.03
N VAL B 215 7.25 10.06 -3.52
CA VAL B 215 8.53 10.58 -3.95
C VAL B 215 9.02 9.67 -5.06
N ASP B 216 9.06 10.21 -6.28
CA ASP B 216 9.40 9.38 -7.43
C ASP B 216 10.51 9.89 -8.34
N SER B 217 11.65 9.21 -8.31
CA SER B 217 12.79 9.60 -9.13
C SER B 217 12.46 9.36 -10.60
N GLY B 218 11.56 8.40 -10.84
CA GLY B 218 11.17 8.07 -12.20
C GLY B 218 10.07 8.93 -12.81
N THR B 219 9.75 10.06 -12.18
CA THR B 219 8.74 10.96 -12.73
C THR B 219 9.41 12.33 -12.99
N THR B 220 9.34 12.77 -14.23
CA THR B 220 9.97 14.01 -14.63
C THR B 220 9.18 15.25 -14.26
N THR B 221 8.06 15.08 -13.56
CA THR B 221 7.25 16.23 -13.21
C THR B 221 6.71 16.15 -11.78
N ILE B 222 5.87 17.10 -11.44
CA ILE B 222 5.22 17.14 -10.15
C ILE B 222 3.74 17.02 -10.50
N THR B 223 3.10 15.98 -10.00
CA THR B 223 1.68 15.77 -10.32
C THR B 223 0.77 16.07 -9.16
N ALA B 224 -0.45 16.48 -9.47
CA ALA B 224 -1.44 16.78 -8.45
C ALA B 224 -2.84 16.43 -9.00
N PRO B 225 -3.84 16.38 -8.12
CA PRO B 225 -5.21 16.08 -8.55
C PRO B 225 -5.70 17.17 -9.49
N SER B 226 -6.38 16.77 -10.56
CA SER B 226 -6.92 17.67 -11.58
C SER B 226 -7.50 18.98 -11.06
N GLU B 227 -8.65 18.88 -10.41
CA GLU B 227 -9.35 20.05 -9.90
C GLU B 227 -8.43 20.99 -9.15
N PHE B 228 -7.63 20.43 -8.26
CA PHE B 228 -6.69 21.22 -7.47
C PHE B 228 -5.74 21.98 -8.37
N LEU B 229 -5.08 21.26 -9.26
CA LEU B 229 -4.12 21.86 -10.17
C LEU B 229 -4.71 22.88 -11.13
N ASN B 230 -5.86 22.57 -11.72
CA ASN B 230 -6.50 23.51 -12.64
C ASN B 230 -6.91 24.78 -11.92
N LYS B 231 -7.30 24.63 -10.66
CA LYS B 231 -7.69 25.74 -9.82
C LYS B 231 -6.44 26.62 -9.78
N PHE B 232 -5.34 26.03 -9.29
CA PHE B 232 -4.04 26.69 -9.19
C PHE B 232 -3.67 27.45 -10.46
N PHE B 233 -3.67 26.73 -11.58
CA PHE B 233 -3.34 27.29 -12.89
C PHE B 233 -4.21 28.47 -13.32
N ALA B 234 -5.52 28.34 -13.11
CA ALA B 234 -6.43 29.41 -13.47
C ALA B 234 -6.04 30.72 -12.78
N ASN B 235 -5.84 30.66 -11.47
CA ASN B 235 -5.47 31.85 -10.69
C ASN B 235 -4.17 32.48 -11.19
N LEU B 236 -3.32 31.69 -11.83
CA LEU B 236 -2.03 32.19 -12.26
C LEU B 236 -1.78 32.45 -13.75
N ASN B 237 -2.84 32.40 -14.56
CA ASN B 237 -2.67 32.67 -15.98
C ASN B 237 -1.70 31.70 -16.64
N VAL B 238 -1.86 30.42 -16.31
CA VAL B 238 -1.05 29.36 -16.90
C VAL B 238 -2.02 28.68 -17.82
N ILE B 239 -1.70 28.57 -19.11
CA ILE B 239 -2.64 27.92 -20.01
C ILE B 239 -2.10 26.60 -20.52
N LYS B 240 -3.01 25.64 -20.70
CA LYS B 240 -2.61 24.34 -21.19
C LYS B 240 -2.35 24.46 -22.67
N VAL B 241 -1.35 23.73 -23.15
CA VAL B 241 -1.04 23.72 -24.56
C VAL B 241 -2.07 22.77 -25.18
N PRO B 242 -2.65 23.15 -26.32
CA PRO B 242 -3.66 22.31 -26.97
C PRO B 242 -3.23 20.86 -27.22
N PHE B 243 -4.03 19.94 -26.70
CA PHE B 243 -3.80 18.50 -26.89
C PHE B 243 -2.61 17.85 -26.20
N LEU B 244 -1.73 18.61 -25.57
CA LEU B 244 -0.58 18.00 -24.93
C LEU B 244 -0.35 18.40 -23.47
N PRO B 245 0.35 17.54 -22.70
CA PRO B 245 0.69 17.72 -21.29
C PRO B 245 1.76 18.80 -21.12
N PHE B 246 1.39 20.02 -21.50
CA PHE B 246 2.32 21.13 -21.41
C PHE B 246 1.51 22.32 -20.89
N TYR B 247 2.09 23.05 -19.95
CA TYR B 247 1.42 24.22 -19.41
C TYR B 247 2.45 25.33 -19.40
N VAL B 248 2.10 26.48 -19.97
CA VAL B 248 3.04 27.59 -20.03
C VAL B 248 2.49 28.89 -19.45
N THR B 249 3.37 29.88 -19.39
CA THR B 249 3.01 31.19 -18.88
C THR B 249 4.24 32.06 -19.08
N THR B 250 4.17 33.30 -18.61
CA THR B 250 5.30 34.21 -18.75
C THR B 250 6.34 33.77 -17.74
N CYS B 251 7.62 33.82 -18.11
CA CYS B 251 8.69 33.45 -17.19
C CYS B 251 8.82 34.44 -16.04
N ASP B 252 8.46 35.70 -16.31
CA ASP B 252 8.55 36.76 -15.31
C ASP B 252 7.33 36.86 -14.41
N ASN B 253 6.42 35.88 -14.51
CA ASN B 253 5.23 35.91 -13.68
C ASN B 253 5.74 35.95 -12.24
N LYS B 254 5.60 37.10 -11.59
CA LYS B 254 6.06 37.27 -10.22
C LYS B 254 4.99 36.85 -9.24
N GLU B 255 3.89 36.29 -9.77
CA GLU B 255 2.80 35.82 -8.93
C GLU B 255 2.91 34.31 -8.67
N MET B 256 3.91 33.66 -9.28
CA MET B 256 4.12 32.23 -9.09
C MET B 256 4.63 32.00 -7.67
N PRO B 257 3.86 31.25 -6.87
CA PRO B 257 4.17 30.93 -5.47
C PRO B 257 5.36 30.00 -5.29
N THR B 258 5.85 29.96 -4.06
CA THR B 258 6.92 29.05 -3.71
C THR B 258 6.15 27.94 -3.00
N LEU B 259 6.08 26.78 -3.63
CA LEU B 259 5.35 25.64 -3.08
C LEU B 259 5.85 25.28 -1.69
N GLU B 260 4.97 24.73 -0.87
CA GLU B 260 5.35 24.31 0.47
C GLU B 260 4.75 22.97 0.86
N PHE B 261 5.61 22.10 1.38
CA PHE B 261 5.21 20.77 1.81
C PHE B 261 5.61 20.65 3.27
N LYS B 262 4.61 20.62 4.15
CA LYS B 262 4.86 20.54 5.58
C LYS B 262 4.53 19.22 6.25
N SER B 263 5.46 18.74 7.06
CA SER B 263 5.23 17.53 7.84
C SER B 263 5.04 18.09 9.25
N ALA B 264 4.75 17.24 10.22
CA ALA B 264 4.56 17.71 11.59
C ALA B 264 5.78 18.45 12.11
N ASN B 265 6.97 18.05 11.66
CA ASN B 265 8.21 18.65 12.14
C ASN B 265 8.97 19.54 11.15
N ASN B 266 8.88 19.22 9.86
CA ASN B 266 9.65 19.95 8.87
C ASN B 266 8.85 20.67 7.79
N THR B 267 9.58 21.34 6.90
CA THR B 267 8.99 22.05 5.79
C THR B 267 9.91 22.00 4.60
N TYR B 268 9.34 21.65 3.45
CA TYR B 268 10.10 21.54 2.21
C TYR B 268 9.46 22.49 1.22
N THR B 269 10.29 23.27 0.53
CA THR B 269 9.76 24.23 -0.41
C THR B 269 10.36 24.08 -1.79
N LEU B 270 9.68 24.69 -2.76
CA LEU B 270 10.13 24.64 -4.14
C LEU B 270 9.76 25.98 -4.77
N GLU B 271 10.76 26.84 -4.96
CA GLU B 271 10.52 28.13 -5.57
C GLU B 271 10.31 27.96 -7.07
N PRO B 272 9.67 28.96 -7.71
CA PRO B 272 9.36 28.98 -9.13
C PRO B 272 10.49 28.49 -10.03
N GLU B 273 11.68 29.00 -9.79
CA GLU B 273 12.84 28.64 -10.58
C GLU B 273 12.99 27.12 -10.70
N TYR B 274 12.60 26.39 -9.67
CA TYR B 274 12.73 24.93 -9.73
C TYR B 274 11.65 24.22 -10.52
N TYR B 275 10.56 24.90 -10.83
CA TYR B 275 9.51 24.26 -11.60
C TYR B 275 9.08 25.04 -12.84
N MET B 276 9.97 25.90 -13.33
CA MET B 276 9.72 26.67 -14.53
C MET B 276 10.95 26.57 -15.39
N ASN B 277 10.76 26.34 -16.69
CA ASN B 277 11.87 26.23 -17.62
C ASN B 277 11.53 26.98 -18.90
N PRO B 278 12.51 27.72 -19.46
CA PRO B 278 12.33 28.48 -20.69
C PRO B 278 12.05 27.55 -21.86
N ILE B 279 10.96 27.79 -22.57
CA ILE B 279 10.58 26.98 -23.72
C ILE B 279 11.65 27.06 -24.81
N LEU B 280 12.11 28.28 -25.08
CA LEU B 280 13.11 28.52 -26.11
C LEU B 280 14.38 29.16 -25.56
N GLU B 281 15.53 28.84 -26.17
CA GLU B 281 16.83 29.37 -25.78
C GLU B 281 16.95 30.83 -26.20
N VAL B 282 16.60 31.10 -27.45
CA VAL B 282 16.65 32.43 -28.03
C VAL B 282 15.84 33.47 -27.27
N ASP B 283 14.52 33.30 -27.23
CA ASP B 283 13.64 34.22 -26.53
C ASP B 283 13.09 33.54 -25.28
N ASP B 284 13.34 34.15 -24.12
CA ASP B 284 12.88 33.59 -22.85
C ASP B 284 11.68 34.33 -22.28
N THR B 285 10.66 34.49 -23.11
CA THR B 285 9.43 35.16 -22.70
C THR B 285 8.48 34.16 -22.05
N LEU B 286 8.37 32.98 -22.65
CA LEU B 286 7.48 31.93 -22.15
C LEU B 286 8.18 30.80 -21.42
N CYS B 287 7.57 30.35 -20.33
CA CYS B 287 8.11 29.25 -19.53
C CYS B 287 7.14 28.10 -19.36
N MET B 288 7.72 26.93 -19.16
CA MET B 288 6.95 25.72 -18.95
C MET B 288 6.89 25.44 -17.46
N ILE B 289 5.71 25.00 -16.99
CA ILE B 289 5.51 24.65 -15.60
C ILE B 289 5.67 23.14 -15.50
N THR B 290 6.53 22.66 -14.61
CA THR B 290 6.74 21.23 -14.47
C THR B 290 5.69 20.58 -13.58
N MET B 291 4.44 20.66 -14.00
CA MET B 291 3.36 20.07 -13.24
C MET B 291 2.44 19.32 -14.19
N LEU B 292 1.78 18.29 -13.65
CA LEU B 292 0.88 17.48 -14.45
C LEU B 292 -0.35 17.09 -13.65
N PRO B 293 -1.54 17.31 -14.22
CA PRO B 293 -2.79 16.96 -13.54
C PRO B 293 -2.92 15.44 -13.64
N VAL B 294 -2.97 14.77 -12.49
CA VAL B 294 -3.09 13.31 -12.47
C VAL B 294 -3.93 12.87 -11.29
N ASP B 295 -5.06 12.23 -11.58
CA ASP B 295 -5.95 11.76 -10.52
C ASP B 295 -5.71 10.29 -10.20
N ILE B 296 -4.91 10.03 -9.17
CA ILE B 296 -4.63 8.66 -8.72
C ILE B 296 -5.76 8.37 -7.75
N ASP B 297 -6.06 9.37 -6.94
CA ASP B 297 -7.14 9.36 -5.96
C ASP B 297 -7.24 10.79 -5.42
N SER B 298 -8.11 11.03 -4.45
CA SER B 298 -8.29 12.39 -3.94
C SER B 298 -7.09 13.14 -3.35
N ASN B 299 -6.18 12.44 -2.68
CA ASN B 299 -5.03 13.10 -2.04
C ASN B 299 -3.64 12.89 -2.59
N THR B 300 -3.48 11.97 -3.53
CA THR B 300 -2.15 11.67 -4.04
C THR B 300 -1.46 12.67 -4.95
N PHE B 301 -0.23 12.97 -4.57
CA PHE B 301 0.64 13.88 -5.30
C PHE B 301 1.93 13.13 -5.58
N ILE B 302 2.60 13.47 -6.69
CA ILE B 302 3.87 12.82 -6.96
C ILE B 302 4.96 13.86 -7.04
N LEU B 303 5.95 13.77 -6.16
CA LEU B 303 7.08 14.68 -6.19
C LEU B 303 8.13 14.04 -7.08
N GLY B 304 8.19 14.52 -8.32
CA GLY B 304 9.13 13.98 -9.29
C GLY B 304 10.46 14.70 -9.31
N ASP B 305 11.15 14.61 -10.44
CA ASP B 305 12.47 15.22 -10.58
C ASP B 305 12.59 16.71 -10.29
N PRO B 306 11.58 17.52 -10.63
CA PRO B 306 11.70 18.95 -10.35
C PRO B 306 12.01 19.20 -8.87
N PHE B 307 11.41 18.38 -8.01
CA PHE B 307 11.59 18.49 -6.56
C PHE B 307 12.90 17.87 -6.07
N MET B 308 13.20 16.69 -6.58
CA MET B 308 14.42 15.98 -6.19
C MET B 308 15.70 16.66 -6.70
N ARG B 309 15.55 17.62 -7.61
CA ARG B 309 16.73 18.32 -8.08
C ARG B 309 17.17 19.30 -7.01
N LYS B 310 16.20 19.82 -6.26
CA LYS B 310 16.52 20.73 -5.18
C LYS B 310 16.93 19.93 -3.94
N TYR B 311 16.13 18.94 -3.58
CA TYR B 311 16.42 18.12 -2.40
C TYR B 311 17.09 16.77 -2.64
N PHE B 312 18.17 16.54 -1.91
CA PHE B 312 18.91 15.29 -1.95
C PHE B 312 17.96 14.36 -1.19
N THR B 313 17.83 13.11 -1.64
CA THR B 313 16.90 12.21 -0.97
C THR B 313 17.48 10.90 -0.48
N VAL B 314 17.02 10.48 0.70
CA VAL B 314 17.49 9.24 1.30
C VAL B 314 16.29 8.32 1.50
N PHE B 315 16.39 7.13 0.93
CA PHE B 315 15.32 6.14 0.99
C PHE B 315 15.85 5.02 1.86
N ASP B 316 15.31 4.94 3.06
CA ASP B 316 15.75 3.95 4.03
C ASP B 316 14.69 2.89 4.31
N TYR B 317 14.99 1.64 3.97
CA TYR B 317 14.02 0.59 4.23
C TYR B 317 13.90 0.30 5.72
N ASP B 318 15.03 0.23 6.41
CA ASP B 318 15.04 -0.06 7.84
C ASP B 318 14.31 0.98 8.69
N LYS B 319 14.36 2.24 8.29
CA LYS B 319 13.67 3.29 9.04
C LYS B 319 12.26 3.51 8.46
N GLU B 320 11.98 2.86 7.33
CA GLU B 320 10.68 3.01 6.67
C GLU B 320 10.40 4.50 6.53
N SER B 321 11.37 5.22 5.97
CA SER B 321 11.26 6.65 5.82
C SER B 321 12.05 7.19 4.63
N VAL B 322 11.74 8.42 4.26
CA VAL B 322 12.43 9.12 3.18
C VAL B 322 13.06 10.34 3.83
N GLY B 323 14.33 10.59 3.53
CA GLY B 323 15.01 11.73 4.10
C GLY B 323 15.27 12.82 3.09
N PHE B 324 15.28 14.08 3.54
CA PHE B 324 15.51 15.22 2.66
C PHE B 324 16.54 16.20 3.23
N ALA B 325 17.28 16.83 2.33
CA ALA B 325 18.28 17.84 2.65
C ALA B 325 18.60 18.55 1.34
N ILE B 326 18.85 19.85 1.42
CA ILE B 326 19.16 20.60 0.20
C ILE B 326 20.40 20.04 -0.49
N ALA B 327 20.27 19.72 -1.76
CA ALA B 327 21.37 19.18 -2.55
C ALA B 327 22.40 20.27 -2.85
N LYS B 328 23.67 19.89 -2.92
CA LYS B 328 24.72 20.86 -3.21
C LYS B 328 24.84 21.25 -4.68
N ASN B 329 25.35 22.47 -4.89
CA ASN B 329 25.52 23.06 -6.21
C ASN B 329 26.02 22.06 -7.27
CA IVA C 1 -5.70 -14.62 18.84
CB IVA C 1 -4.98 -13.79 19.89
CG1 IVA C 1 -5.37 -12.34 19.74
CG2 IVA C 1 -5.38 -14.31 21.26
C IVA C 1 -5.39 -14.17 17.41
O IVA C 1 -4.23 -14.08 17.01
N VAL C 2 -6.44 -13.88 16.67
CA VAL C 2 -6.32 -13.50 15.26
C VAL C 2 -6.22 -12.01 14.89
N VAL C 3 -5.29 -11.72 13.99
CA VAL C 3 -5.06 -10.36 13.49
C VAL C 3 -4.98 -10.41 11.97
N STA C 4 -6.04 -9.94 11.32
CA STA C 4 -6.11 -9.94 9.86
CB STA C 4 -7.16 -10.98 9.42
CG STA C 4 -6.93 -12.40 9.95
CD1 STA C 4 -5.65 -13.03 9.42
CD2 STA C 4 -8.14 -13.29 9.73
CH STA C 4 -6.49 -8.56 9.31
OH STA C 4 -7.72 -8.14 9.88
CM STA C 4 -5.41 -7.54 9.67
C STA C 4 -4.13 -7.72 8.85
O STA C 4 -3.18 -8.35 9.31
N ALA C 5 -4.00 -7.25 7.60
CA ALA C 5 -2.90 -7.28 6.65
C ALA C 5 -1.82 -6.31 7.16
N STA C 6 -0.56 -6.59 6.85
CA STA C 6 0.56 -5.76 7.32
CB STA C 6 1.15 -6.38 8.59
CG STA C 6 0.25 -6.50 9.84
CD1 STA C 6 1.01 -7.20 10.95
CD2 STA C 6 -0.24 -5.15 10.32
CH STA C 6 1.68 -5.62 6.26
OH STA C 6 1.73 -6.78 5.43
CM STA C 6 1.52 -4.35 5.40
C STA C 6 0.45 -4.50 4.32
O STA C 6 0.65 -5.30 3.38
OXT STA C 6 -0.59 -3.80 4.42
CA IVA D 1 6.49 14.06 -19.37
CB IVA D 1 5.18 14.76 -19.03
CG1 IVA D 1 4.77 14.42 -17.60
CG2 IVA D 1 5.31 16.26 -19.21
C IVA D 1 6.43 12.56 -19.16
O IVA D 1 5.69 11.85 -19.83
N VAL D 2 7.22 12.06 -18.21
CA VAL D 2 7.25 10.64 -17.91
C VAL D 2 6.78 10.37 -16.47
N VAL D 3 5.94 9.35 -16.32
CA VAL D 3 5.44 8.95 -15.00
C VAL D 3 5.67 7.45 -14.89
N STA D 4 6.65 7.07 -14.08
CA STA D 4 7.02 5.67 -13.88
CB STA D 4 8.40 5.43 -14.50
CG STA D 4 8.53 5.82 -15.96
CD1 STA D 4 7.64 4.96 -16.85
CD2 STA D 4 9.97 5.81 -16.45
CH STA D 4 7.03 5.30 -12.38
OH STA D 4 7.94 6.16 -11.69
CM STA D 4 5.64 5.46 -11.79
C STA D 4 4.72 4.32 -12.15
O STA D 4 3.86 4.47 -13.01
N ALA D 5 4.80 3.12 -11.59
CA ALA D 5 4.02 1.90 -11.78
C ALA D 5 2.65 2.03 -11.10
N STA D 6 1.68 1.24 -11.56
CA STA D 6 0.33 1.27 -10.98
CB STA D 6 -0.42 2.47 -11.57
CG STA D 6 -0.62 2.53 -13.08
CD1 STA D 6 -1.65 1.53 -13.57
CD2 STA D 6 -0.95 3.95 -13.54
CH STA D 6 -0.42 -0.04 -11.28
OH STA D 6 0.28 -0.79 -12.28
CM STA D 6 -0.57 -0.90 -10.01
C STA D 6 0.74 -1.47 -9.52
O STA D 6 0.70 -2.28 -8.56
OXT STA D 6 1.80 -1.14 -10.08
C ACT E . -4.16 -22.57 -14.90
O ACT E . -5.01 -22.02 -15.64
OXT ACT E . -4.09 -23.80 -14.71
CH3 ACT E . -3.15 -21.68 -14.18
C ACT F . 14.86 -19.68 -23.06
O ACT F . 15.73 -19.09 -23.71
OXT ACT F . 13.63 -19.47 -23.20
CH3 ACT F . 15.30 -20.70 -22.03
#